data_8U18
#
_entry.id   8U18
#
_cell.length_a   1.00
_cell.length_b   1.00
_cell.length_c   1.00
_cell.angle_alpha   90.00
_cell.angle_beta   90.00
_cell.angle_gamma   90.00
#
_symmetry.space_group_name_H-M   'P 1'
#
loop_
_entity.id
_entity.type
_entity.pdbx_description
1 polymer 'Thrombopoietin receptor,GCN4 isoform 1'
2 polymer Thrombopoietin
3 branched beta-D-mannopyranose-(1-4)-2-acetamido-2-deoxy-beta-D-glucopyranose-(1-4)-2-acetamido-2-deoxy-beta-D-glucopyranose
4 non-polymer 2-acetamido-2-deoxy-beta-D-glucopyranose
5 non-polymer alpha-D-mannopyranose
#
loop_
_entity_poly.entity_id
_entity_poly.type
_entity_poly.pdbx_seq_one_letter_code
_entity_poly.pdbx_strand_id
1 'polypeptide(L)'
;QDVFLLALGTEPLNCFSQTFEDLTCFWDEEEAAPSGTYQLLYAYRGEKPRACPLYSQSVPTFGTRYVCQFPAQDEVRLFF
PLHLWVKNVSLNQTLIQRVLFVDSVGLPAPPRVIKARGGSQPGELQIHWEAPAPEISDFLRHELRYGPTDSSNATAPSVI
QLLSTETCCPTLWMPNPVPVLDQPPCVHPTASQPHGPAPFLTVKGGSCLVSGLQAGKSYWLQLRSQPDGVSLRGSWGPWS
FPVTVDLPGDAVTIGLQCFTLDLKMVTCQWQQQDRTSSQGFFRHSRTRCCPTDRDPTWEKCEEEEPRPGSQPALVSRCHF
KSRNDSVIHILVEVTTAQGAVHSYLGSPFWIHQAVLLPTPSLHWREVSSGRLELEWQHQSSWAAQETCYQLRYTGEGRED
WKVLEPSLGARGGTLELRPRARYSLQLRARLNGPTYQGPWSAWSPPARVSTGSETAWRMKQLEDKVEELLSKNYHLENEV
ARLKKLVGERTGTGGAPENLYFQ
;
A,B
2 'polypeptide(L)'
;ASISARQDYKDDDDKTRQSPVAPACDPRLLNKLLRDSHLLHSRLSQCPDVDPLSIPVLLPAVDFSLGEWKTQTEQSKAQD
ILGAVSLLLEGVMAARGQLEPSCLSSLLGQLSGQVRLLLGALQGLLGTQLPLQGRTTAHKDPNALFLSLQQLLRGKVRFL
LLVEGPTLCVRRTLPTTAVPS
;
C
#
# COMPACT_ATOMS: atom_id res chain seq x y z
N GLN A 1 25.63 11.57 -18.51
CA GLN A 1 24.97 12.57 -19.33
C GLN A 1 25.53 13.95 -19.02
N ASP A 2 25.12 14.97 -19.78
CA ASP A 2 25.58 16.33 -19.56
C ASP A 2 24.39 17.21 -19.22
N VAL A 3 24.62 18.17 -18.31
CA VAL A 3 23.53 19.01 -17.81
C VAL A 3 23.02 19.96 -18.88
N PHE A 4 23.91 20.47 -19.73
CA PHE A 4 23.49 21.42 -20.76
C PHE A 4 22.48 20.81 -21.72
N LEU A 5 22.66 19.53 -22.07
CA LEU A 5 21.75 18.87 -22.99
C LEU A 5 20.38 18.63 -22.38
N LEU A 6 20.31 18.43 -21.05
CA LEU A 6 19.02 18.34 -20.38
C LEU A 6 18.37 19.70 -20.21
N ALA A 7 19.18 20.75 -20.04
CA ALA A 7 18.63 22.09 -19.87
C ALA A 7 17.99 22.60 -21.15
N LEU A 8 18.60 22.29 -22.31
CA LEU A 8 18.32 22.93 -23.59
C LEU A 8 16.83 23.18 -23.82
N GLY A 9 15.99 22.22 -23.42
CA GLY A 9 14.57 22.46 -23.31
C GLY A 9 13.93 22.97 -24.58
N THR A 10 12.98 23.90 -24.43
CA THR A 10 12.17 24.35 -25.54
C THR A 10 12.01 25.87 -25.61
N GLU A 11 12.85 26.65 -24.91
CA GLU A 11 12.69 28.09 -24.91
C GLU A 11 14.04 28.79 -25.04
N PRO A 12 14.10 29.86 -25.83
CA PRO A 12 15.36 30.61 -25.96
C PRO A 12 15.81 31.19 -24.63
N LEU A 13 17.12 31.42 -24.53
CA LEU A 13 17.76 31.85 -23.28
C LEU A 13 17.42 30.90 -22.15
N ASN A 14 17.85 29.66 -22.32
CA ASN A 14 17.60 28.64 -21.31
C ASN A 14 18.39 28.97 -20.04
N CYS A 15 17.88 28.46 -18.92
CA CYS A 15 18.54 28.62 -17.63
C CYS A 15 18.35 27.34 -16.82
N PHE A 16 19.26 27.12 -15.86
CA PHE A 16 19.16 25.97 -14.98
C PHE A 16 19.94 26.27 -13.70
N SER A 17 19.66 25.48 -12.67
CA SER A 17 20.36 25.56 -11.39
C SER A 17 20.46 24.17 -10.78
N GLN A 18 21.61 23.86 -10.19
CA GLN A 18 21.84 22.53 -9.62
C GLN A 18 21.68 22.49 -8.10
N THR A 19 21.83 23.61 -7.41
CA THR A 19 21.71 23.65 -5.96
C THR A 19 20.77 24.73 -5.45
N PHE A 20 20.21 25.56 -6.33
CA PHE A 20 19.38 26.70 -5.98
C PHE A 20 20.13 27.74 -5.17
N GLU A 21 21.46 27.64 -5.10
CA GLU A 21 22.34 28.72 -4.69
C GLU A 21 23.26 29.11 -5.84
N ASP A 22 22.89 28.72 -7.07
CA ASP A 22 23.66 28.99 -8.27
C ASP A 22 22.68 29.18 -9.43
N LEU A 23 23.18 29.74 -10.52
CA LEU A 23 22.33 29.96 -11.69
C LEU A 23 23.21 30.07 -12.93
N THR A 24 22.81 29.36 -13.99
CA THR A 24 23.52 29.39 -15.26
C THR A 24 22.52 29.54 -16.40
N CYS A 25 22.81 30.45 -17.33
CA CYS A 25 21.98 30.66 -18.49
C CYS A 25 22.84 30.69 -19.74
N PHE A 26 22.30 30.18 -20.84
CA PHE A 26 23.05 30.09 -22.09
C PHE A 26 22.08 30.07 -23.25
N TRP A 27 22.60 30.35 -24.44
CA TRP A 27 21.83 30.20 -25.67
C TRP A 27 22.80 29.95 -26.83
N ASP A 28 22.33 29.17 -27.80
CA ASP A 28 23.13 28.79 -28.96
C ASP A 28 22.75 29.64 -30.17
N GLU A 29 23.75 29.99 -30.98
CA GLU A 29 23.54 30.86 -32.14
C GLU A 29 24.11 30.21 -33.39
N GLU A 30 23.49 30.52 -34.53
CA GLU A 30 23.87 29.89 -35.79
C GLU A 30 25.23 30.35 -36.30
N GLU A 31 25.61 31.59 -36.01
CA GLU A 31 26.83 32.15 -36.57
C GLU A 31 27.64 32.85 -35.50
N ALA A 32 28.96 32.73 -35.59
CA ALA A 32 29.86 33.33 -34.61
C ALA A 32 29.92 34.84 -34.81
N ALA A 33 30.54 35.51 -33.85
CA ALA A 33 30.68 36.96 -33.87
C ALA A 33 31.92 37.34 -33.08
N PRO A 34 32.47 38.53 -33.29
CA PRO A 34 33.61 38.97 -32.50
C PRO A 34 33.20 39.30 -31.07
N SER A 35 34.22 39.52 -30.24
CA SER A 35 34.01 39.75 -28.82
C SER A 35 33.28 41.06 -28.57
N GLY A 36 32.57 41.12 -27.44
CA GLY A 36 31.90 42.33 -27.01
C GLY A 36 30.60 42.65 -27.72
N THR A 37 30.20 41.84 -28.69
CA THR A 37 28.99 42.14 -29.47
C THR A 37 27.71 41.99 -28.65
N TYR A 38 27.72 41.17 -27.61
CA TYR A 38 26.50 40.90 -26.85
C TYR A 38 26.78 40.95 -25.36
N GLN A 39 25.73 41.21 -24.60
CA GLN A 39 25.82 41.34 -23.15
C GLN A 39 24.56 40.77 -22.52
N LEU A 40 24.73 40.12 -21.35
CA LEU A 40 23.63 39.55 -20.60
C LEU A 40 23.35 40.44 -19.39
N LEU A 41 22.17 41.03 -19.36
CA LEU A 41 21.75 41.89 -18.27
C LEU A 41 20.63 41.22 -17.49
N TYR A 42 20.68 41.34 -16.17
CA TYR A 42 19.68 40.74 -15.30
C TYR A 42 19.37 41.70 -14.16
N ALA A 43 18.20 41.52 -13.56
CA ALA A 43 17.78 42.37 -12.46
C ALA A 43 16.65 41.69 -11.71
N TYR A 44 16.90 41.36 -10.44
CA TYR A 44 15.80 40.97 -9.57
C TYR A 44 14.83 42.14 -9.45
N ARG A 45 13.55 41.82 -9.22
CA ARG A 45 12.52 42.84 -9.23
C ARG A 45 12.85 43.95 -8.26
N GLY A 46 12.67 45.19 -8.70
CA GLY A 46 12.96 46.34 -7.88
C GLY A 46 14.43 46.63 -7.64
N GLU A 47 15.27 46.35 -8.64
CA GLU A 47 16.69 46.68 -8.56
C GLU A 47 17.18 47.15 -9.92
N LYS A 48 18.27 47.92 -9.90
CA LYS A 48 18.84 48.44 -11.14
C LYS A 48 19.62 47.33 -11.85
N PRO A 49 19.61 47.33 -13.19
CA PRO A 49 20.25 46.24 -13.94
C PRO A 49 21.75 46.17 -13.71
N ARG A 50 22.29 44.95 -13.78
CA ARG A 50 23.71 44.69 -13.80
C ARG A 50 24.03 43.64 -14.85
N ALA A 51 25.31 43.44 -15.11
CA ALA A 51 25.78 42.57 -16.18
C ALA A 51 26.45 41.32 -15.63
N CYS A 52 26.29 40.20 -16.36
CA CYS A 52 26.87 38.89 -16.08
C CYS A 52 28.08 38.65 -16.97
N PRO A 53 29.24 38.25 -16.42
CA PRO A 53 30.42 38.03 -17.27
C PRO A 53 30.33 36.77 -18.11
N LEU A 54 30.13 36.94 -19.41
CA LEU A 54 29.88 35.82 -20.30
C LEU A 54 31.17 35.12 -20.69
N TYR A 55 31.01 33.88 -21.18
CA TYR A 55 32.06 33.18 -21.92
C TYR A 55 31.39 32.27 -22.93
N SER A 56 32.19 31.74 -23.86
CA SER A 56 31.64 31.08 -25.03
C SER A 56 32.31 29.72 -25.25
N GLN A 57 31.56 28.82 -25.88
CA GLN A 57 32.04 27.50 -26.27
C GLN A 57 31.50 27.14 -27.64
N SER A 58 32.28 26.36 -28.38
CA SER A 58 31.80 25.81 -29.64
C SER A 58 30.79 24.70 -29.37
N VAL A 59 29.79 24.59 -30.25
CA VAL A 59 28.75 23.58 -30.16
C VAL A 59 29.03 22.53 -31.23
N PRO A 60 29.07 21.24 -30.88
CA PRO A 60 29.40 20.21 -31.89
C PRO A 60 28.36 20.17 -32.99
N THR A 61 28.81 20.46 -34.22
CA THR A 61 28.01 20.37 -35.43
C THR A 61 26.74 21.23 -35.36
N PHE A 62 26.69 22.21 -34.46
CA PHE A 62 25.54 23.09 -34.36
C PHE A 62 25.91 24.57 -34.24
N GLY A 63 27.16 24.91 -33.92
CA GLY A 63 27.56 26.30 -33.87
C GLY A 63 28.28 26.73 -32.60
N THR A 64 27.91 27.89 -32.07
CA THR A 64 28.57 28.46 -30.90
C THR A 64 27.51 28.99 -29.94
N ARG A 65 27.79 28.87 -28.64
CA ARG A 65 26.88 29.29 -27.59
C ARG A 65 27.59 30.24 -26.63
N TYR A 66 26.82 31.19 -26.09
CA TYR A 66 27.32 32.12 -25.08
C TYR A 66 26.70 31.76 -23.73
N VAL A 67 27.54 31.68 -22.70
CA VAL A 67 27.15 31.17 -21.40
C VAL A 67 27.62 32.13 -20.32
N CYS A 68 26.80 32.31 -19.28
CA CYS A 68 27.24 32.97 -18.06
C CYS A 68 26.71 32.22 -16.85
N GLN A 69 27.54 32.13 -15.82
CA GLN A 69 27.13 31.68 -14.51
C GLN A 69 27.07 32.89 -13.58
N PHE A 70 26.00 33.01 -12.81
CA PHE A 70 25.83 34.17 -11.94
C PHE A 70 26.96 34.20 -10.92
N PRO A 71 27.73 35.30 -10.84
CA PRO A 71 28.91 35.33 -9.99
C PRO A 71 28.55 35.16 -8.52
N ALA A 72 29.48 34.58 -7.76
CA ALA A 72 29.30 34.44 -6.32
C ALA A 72 29.28 35.78 -5.59
N GLN A 73 29.59 36.88 -6.29
CA GLN A 73 29.60 38.20 -5.67
C GLN A 73 28.22 38.61 -5.15
N ASP A 74 27.14 38.02 -5.67
CA ASP A 74 25.79 38.33 -5.21
C ASP A 74 25.04 37.04 -4.88
N GLU A 75 24.03 37.18 -4.03
CA GLU A 75 23.26 36.03 -3.55
C GLU A 75 22.13 35.70 -4.51
N VAL A 76 21.82 34.42 -4.63
CA VAL A 76 20.69 33.95 -5.44
C VAL A 76 19.47 33.78 -4.54
N ARG A 77 18.42 34.55 -4.82
CA ARG A 77 17.17 34.43 -4.08
C ARG A 77 16.15 33.63 -4.89
N LEU A 78 15.46 32.71 -4.23
CA LEU A 78 14.68 31.70 -4.94
C LEU A 78 13.31 32.23 -5.38
N PHE A 79 12.45 32.56 -4.42
CA PHE A 79 11.07 32.90 -4.74
C PHE A 79 10.97 34.39 -5.03
N PHE A 80 11.72 34.85 -6.02
CA PHE A 80 11.88 36.28 -6.27
C PHE A 80 12.07 36.53 -7.76
N PRO A 81 11.18 37.29 -8.39
CA PRO A 81 11.20 37.41 -9.85
C PRO A 81 12.52 37.97 -10.36
N LEU A 82 12.97 37.43 -11.48
CA LEU A 82 14.25 37.79 -12.08
C LEU A 82 14.06 38.00 -13.58
N HIS A 83 14.42 39.19 -14.07
CA HIS A 83 14.32 39.50 -15.49
C HIS A 83 15.66 39.27 -16.17
N LEU A 84 15.61 38.77 -17.40
CA LEU A 84 16.81 38.49 -18.18
C LEU A 84 16.70 39.15 -19.56
N TRP A 85 17.66 40.00 -19.91
CA TRP A 85 17.74 40.61 -21.22
C TRP A 85 19.12 40.34 -21.80
N VAL A 86 19.17 39.90 -23.05
CA VAL A 86 20.42 39.77 -23.79
C VAL A 86 20.44 40.86 -24.85
N LYS A 87 21.47 41.70 -24.81
CA LYS A 87 21.54 42.90 -25.64
C LYS A 87 22.60 42.73 -26.72
N ASN A 88 22.24 43.06 -27.96
CA ASN A 88 23.23 43.34 -28.98
C ASN A 88 23.84 44.71 -28.69
N VAL A 89 25.11 44.74 -28.29
CA VAL A 89 25.71 45.98 -27.82
C VAL A 89 25.84 47.00 -28.94
N SER A 90 26.15 46.54 -30.16
CA SER A 90 26.34 47.47 -31.27
C SER A 90 25.03 48.13 -31.67
N LEU A 91 23.90 47.45 -31.48
CA LEU A 91 22.60 48.00 -31.78
C LEU A 91 21.81 48.41 -30.55
N ASN A 92 22.28 48.07 -29.35
CA ASN A 92 21.52 48.25 -28.11
C ASN A 92 20.11 47.67 -28.27
N GLN A 93 20.02 46.50 -28.87
CA GLN A 93 18.76 45.83 -29.14
C GLN A 93 18.66 44.56 -28.31
N THR A 94 17.49 44.35 -27.69
CA THR A 94 17.22 43.11 -26.96
C THR A 94 16.86 42.01 -27.95
N LEU A 95 17.62 40.90 -27.91
CA LEU A 95 17.34 39.78 -28.79
C LEU A 95 16.40 38.75 -28.19
N ILE A 96 16.60 38.42 -26.91
CA ILE A 96 15.73 37.49 -26.19
C ILE A 96 15.41 38.07 -24.82
N GLN A 97 14.15 37.94 -24.40
CA GLN A 97 13.73 38.41 -23.09
C GLN A 97 12.98 37.28 -22.38
N ARG A 98 13.23 37.13 -21.08
CA ARG A 98 12.58 36.08 -20.31
C ARG A 98 12.38 36.55 -18.88
N VAL A 99 11.30 36.05 -18.26
CA VAL A 99 11.00 36.28 -16.85
C VAL A 99 11.17 34.95 -16.12
N LEU A 100 11.89 34.97 -15.01
CA LEU A 100 12.35 33.74 -14.37
C LEU A 100 12.18 33.81 -12.86
N PHE A 101 11.66 32.72 -12.29
CA PHE A 101 11.74 32.46 -10.85
C PHE A 101 12.78 31.38 -10.63
N VAL A 102 13.73 31.63 -9.72
CA VAL A 102 14.83 30.68 -9.53
C VAL A 102 14.32 29.35 -9.00
N ASP A 103 13.18 29.35 -8.29
CA ASP A 103 12.56 28.11 -7.88
C ASP A 103 11.83 27.42 -9.03
N SER A 104 11.71 28.05 -10.20
CA SER A 104 10.95 27.48 -11.30
C SER A 104 11.81 26.75 -12.32
N VAL A 105 13.14 26.80 -12.18
CA VAL A 105 14.05 26.04 -13.03
C VAL A 105 15.02 25.30 -12.13
N GLY A 106 15.27 24.03 -12.44
CA GLY A 106 16.16 23.24 -11.62
C GLY A 106 16.53 21.89 -12.18
N LEU A 107 17.83 21.57 -12.13
CA LEU A 107 18.36 20.29 -12.57
C LEU A 107 19.28 19.75 -11.47
N PRO A 108 18.69 19.24 -10.39
CA PRO A 108 19.51 18.81 -9.25
C PRO A 108 20.53 17.76 -9.64
N ALA A 109 21.72 17.88 -9.04
CA ALA A 109 22.80 16.96 -9.35
C ALA A 109 22.49 15.56 -8.82
N PRO A 110 23.00 14.53 -9.49
CA PRO A 110 22.81 13.17 -8.99
C PRO A 110 23.57 12.97 -7.69
N PRO A 111 23.09 12.09 -6.82
CA PRO A 111 23.80 11.84 -5.56
C PRO A 111 25.18 11.25 -5.79
N ARG A 112 26.19 11.89 -5.21
CA ARG A 112 27.56 11.39 -5.27
C ARG A 112 27.81 10.37 -4.16
N VAL A 113 28.93 9.67 -4.26
CA VAL A 113 29.37 8.67 -3.30
C VAL A 113 28.29 7.61 -3.10
N ILE A 114 27.75 7.11 -4.20
CA ILE A 114 26.84 5.96 -4.11
C ILE A 114 27.62 4.74 -3.64
N LYS A 115 27.01 3.96 -2.76
CA LYS A 115 27.51 2.63 -2.45
C LYS A 115 26.32 1.68 -2.33
N ALA A 116 26.57 0.40 -2.59
CA ALA A 116 25.49 -0.57 -2.59
C ALA A 116 26.04 -1.93 -2.18
N ARG A 117 25.14 -2.78 -1.70
CA ARG A 117 25.50 -4.09 -1.16
C ARG A 117 24.35 -5.06 -1.39
N GLY A 118 24.65 -6.35 -1.22
CA GLY A 118 23.61 -7.34 -1.13
C GLY A 118 22.71 -7.10 0.08
N GLY A 119 21.40 -7.17 -0.12
CA GLY A 119 20.45 -6.84 0.93
C GLY A 119 20.33 -7.90 2.00
N SER A 120 19.20 -7.86 2.73
CA SER A 120 19.00 -8.78 3.84
C SER A 120 18.59 -10.18 3.36
N GLN A 121 17.93 -10.27 2.21
CA GLN A 121 17.47 -11.52 1.66
C GLN A 121 17.82 -11.54 0.19
N PRO A 122 17.90 -12.72 -0.43
CA PRO A 122 18.33 -12.79 -1.82
C PRO A 122 17.43 -11.97 -2.73
N GLY A 123 18.04 -11.28 -3.69
CA GLY A 123 17.35 -10.39 -4.58
C GLY A 123 17.16 -8.98 -4.07
N GLU A 124 17.57 -8.69 -2.83
CA GLU A 124 17.46 -7.34 -2.31
C GLU A 124 18.71 -6.55 -2.64
N LEU A 125 18.52 -5.26 -2.90
CA LEU A 125 19.60 -4.34 -3.22
C LEU A 125 19.57 -3.16 -2.26
N GLN A 126 20.57 -3.05 -1.41
CA GLN A 126 20.68 -1.89 -0.53
C GLN A 126 21.35 -0.75 -1.26
N ILE A 127 20.80 0.46 -1.09
CA ILE A 127 21.32 1.65 -1.74
C ILE A 127 21.54 2.73 -0.69
N HIS A 128 22.70 3.37 -0.74
CA HIS A 128 23.07 4.42 0.19
C HIS A 128 23.70 5.56 -0.60
N TRP A 129 23.28 6.79 -0.32
CA TRP A 129 23.83 7.93 -1.03
C TRP A 129 23.91 9.13 -0.10
N GLU A 130 24.87 10.00 -0.38
CA GLU A 130 25.06 11.24 0.34
C GLU A 130 24.63 12.40 -0.56
N ALA A 131 23.85 13.31 -0.01
CA ALA A 131 23.32 14.42 -0.81
C ALA A 131 24.46 15.27 -1.36
N PRO A 132 24.45 15.59 -2.66
CA PRO A 132 25.53 16.43 -3.20
C PRO A 132 25.48 17.86 -2.69
N ALA A 133 24.28 18.36 -2.40
CA ALA A 133 24.08 19.67 -1.78
C ALA A 133 22.97 19.50 -0.74
N PRO A 134 23.31 19.48 0.54
CA PRO A 134 22.39 18.87 1.53
C PRO A 134 21.20 19.73 1.92
N GLU A 135 21.26 21.05 1.74
CA GLU A 135 20.19 21.91 2.23
C GLU A 135 18.86 21.61 1.56
N ILE A 136 18.87 21.42 0.23
CA ILE A 136 17.63 21.15 -0.50
C ILE A 136 17.26 19.68 -0.53
N SER A 137 17.97 18.81 0.21
CA SER A 137 17.84 17.38 0.00
C SER A 137 16.45 16.84 0.30
N ASP A 138 15.65 17.56 1.08
CA ASP A 138 14.30 17.08 1.38
C ASP A 138 13.26 17.53 0.36
N PHE A 139 13.59 18.51 -0.48
CA PHE A 139 12.69 19.03 -1.48
C PHE A 139 12.83 18.33 -2.84
N LEU A 140 13.36 17.11 -2.85
CA LEU A 140 13.65 16.39 -4.08
C LEU A 140 12.96 15.02 -4.08
N ARG A 141 12.68 14.52 -5.28
CA ARG A 141 12.28 13.13 -5.49
C ARG A 141 13.28 12.46 -6.43
N HIS A 142 13.51 11.17 -6.22
CA HIS A 142 14.53 10.45 -6.94
C HIS A 142 13.91 9.28 -7.69
N GLU A 143 14.58 8.85 -8.76
CA GLU A 143 14.23 7.63 -9.47
C GLU A 143 15.50 6.86 -9.77
N LEU A 144 15.34 5.54 -9.98
CA LEU A 144 16.45 4.61 -10.02
C LEU A 144 16.34 3.71 -11.24
N ARG A 145 17.47 3.49 -11.93
CA ARG A 145 17.53 2.56 -13.04
C ARG A 145 18.68 1.59 -12.82
N TYR A 146 18.51 0.34 -13.25
CA TYR A 146 19.52 -0.69 -13.08
C TYR A 146 19.44 -1.69 -14.22
N GLY A 147 20.56 -2.36 -14.49
CA GLY A 147 20.61 -3.36 -15.51
C GLY A 147 21.75 -4.34 -15.29
N PRO A 148 21.64 -5.54 -15.86
CA PRO A 148 22.72 -6.53 -15.72
C PRO A 148 23.94 -6.12 -16.53
N THR A 149 25.11 -6.47 -16.03
CA THR A 149 26.35 -6.07 -16.67
C THR A 149 26.72 -6.95 -17.85
N ASP A 150 26.05 -8.09 -18.06
CA ASP A 150 26.37 -8.93 -19.19
C ASP A 150 25.87 -8.38 -20.51
N SER A 151 25.02 -7.37 -20.48
CA SER A 151 24.41 -6.76 -21.67
C SER A 151 23.67 -7.79 -22.51
N SER A 152 23.06 -8.78 -21.85
CA SER A 152 22.28 -9.78 -22.58
C SER A 152 21.16 -9.16 -23.39
N ASN A 153 20.76 -7.94 -23.02
CA ASN A 153 19.86 -7.12 -23.84
C ASN A 153 18.54 -7.82 -24.15
N ALA A 154 17.98 -8.49 -23.15
CA ALA A 154 16.58 -8.89 -23.22
C ALA A 154 15.68 -7.68 -23.22
N THR A 155 16.06 -6.62 -22.50
CA THR A 155 15.26 -5.41 -22.43
C THR A 155 16.14 -4.25 -22.02
N ALA A 156 15.67 -3.03 -22.31
CA ALA A 156 16.31 -1.83 -21.77
C ALA A 156 16.12 -1.79 -20.26
N PRO A 157 17.01 -1.10 -19.55
CA PRO A 157 16.95 -1.13 -18.08
C PRO A 157 15.66 -0.57 -17.54
N SER A 158 15.15 -1.21 -16.49
CA SER A 158 13.92 -0.76 -15.84
C SER A 158 14.20 0.41 -14.90
N VAL A 159 13.17 1.22 -14.67
CA VAL A 159 13.28 2.41 -13.83
C VAL A 159 12.15 2.38 -12.80
N ILE A 160 12.48 2.71 -11.55
CA ILE A 160 11.49 2.80 -10.48
C ILE A 160 11.63 4.15 -9.77
N GLN A 161 10.51 4.61 -9.21
CA GLN A 161 10.49 5.82 -8.40
C GLN A 161 10.81 5.48 -6.94
N LEU A 162 11.62 6.30 -6.30
CA LEU A 162 12.00 6.08 -4.90
C LEU A 162 11.08 6.89 -3.99
N LEU A 163 9.87 6.38 -3.81
CA LEU A 163 8.90 6.98 -2.91
C LEU A 163 9.17 6.57 -1.47
N SER A 164 8.84 7.47 -0.54
CA SER A 164 9.13 7.22 0.87
C SER A 164 8.18 6.18 1.44
N THR A 165 8.75 5.15 2.05
CA THR A 165 8.00 4.08 2.69
C THR A 165 8.71 3.72 3.99
N GLU A 166 8.28 2.63 4.61
CA GLU A 166 9.00 2.13 5.78
C GLU A 166 10.42 1.73 5.41
N THR A 167 10.61 1.20 4.20
CA THR A 167 11.90 0.63 3.81
C THR A 167 12.82 1.62 3.11
N CYS A 168 12.27 2.61 2.43
CA CYS A 168 13.06 3.54 1.63
C CYS A 168 12.91 4.96 2.17
N CYS A 169 14.04 5.61 2.44
CA CYS A 169 14.09 6.91 3.09
C CYS A 169 14.83 7.89 2.19
N PRO A 170 14.10 8.73 1.43
CA PRO A 170 14.76 9.75 0.61
C PRO A 170 15.63 10.71 1.42
N THR A 171 15.33 10.89 2.70
CA THR A 171 16.09 11.78 3.55
C THR A 171 16.40 11.15 4.90
N LEU A 172 17.66 11.28 5.32
CA LEU A 172 18.11 10.83 6.64
C LEU A 172 19.30 11.67 7.06
N TRP A 173 19.47 11.81 8.37
CA TRP A 173 20.75 12.26 8.90
C TRP A 173 21.66 11.06 9.14
N MET A 174 22.96 11.26 8.96
CA MET A 174 23.92 10.19 9.15
C MET A 174 25.14 10.76 9.86
N PRO A 175 25.83 9.93 10.68
CA PRO A 175 26.92 10.43 11.53
C PRO A 175 28.11 10.92 10.74
N VAL A 203 26.60 15.77 5.45
CA VAL A 203 26.52 14.35 5.71
C VAL A 203 25.08 13.86 5.66
N LYS A 204 24.15 14.78 5.41
CA LYS A 204 22.77 14.39 5.20
C LYS A 204 22.64 13.58 3.92
N GLY A 205 21.76 12.58 3.95
CA GLY A 205 21.60 11.71 2.81
C GLY A 205 20.34 10.87 2.86
N GLY A 206 20.41 9.65 2.35
CA GLY A 206 19.25 8.77 2.36
C GLY A 206 19.66 7.33 2.12
N SER A 207 18.69 6.44 2.27
CA SER A 207 18.90 5.03 2.00
C SER A 207 17.57 4.41 1.59
N CYS A 208 17.65 3.37 0.76
CA CYS A 208 16.46 2.75 0.23
C CYS A 208 16.75 1.29 -0.10
N LEU A 209 15.73 0.46 0.00
CA LEU A 209 15.83 -0.97 -0.24
C LEU A 209 15.01 -1.34 -1.47
N VAL A 210 15.65 -2.01 -2.43
CA VAL A 210 15.01 -2.44 -3.66
C VAL A 210 15.05 -3.95 -3.71
N SER A 211 13.96 -4.55 -4.21
CA SER A 211 13.80 -5.99 -4.16
C SER A 211 13.38 -6.50 -5.53
N GLY A 212 13.40 -7.82 -5.67
CA GLY A 212 13.01 -8.49 -6.90
C GLY A 212 14.08 -8.65 -7.94
N LEU A 213 15.29 -8.16 -7.70
CA LEU A 213 16.37 -8.34 -8.65
C LEU A 213 16.84 -9.79 -8.68
N GLN A 214 17.41 -10.18 -9.81
CA GLN A 214 17.87 -11.56 -9.99
C GLN A 214 19.15 -11.79 -9.19
N ALA A 215 19.13 -12.80 -8.33
CA ALA A 215 20.26 -13.06 -7.45
C ALA A 215 21.46 -13.61 -8.22
N GLY A 216 22.63 -13.48 -7.60
CA GLY A 216 23.85 -14.07 -8.12
C GLY A 216 24.51 -13.30 -9.25
N LYS A 217 23.74 -12.52 -9.99
CA LYS A 217 24.27 -11.77 -11.13
C LYS A 217 24.63 -10.36 -10.72
N SER A 218 25.69 -9.83 -11.34
CA SER A 218 26.17 -8.49 -11.06
C SER A 218 25.33 -7.45 -11.77
N TYR A 219 25.09 -6.33 -11.10
CA TYR A 219 24.28 -5.23 -11.61
C TYR A 219 25.06 -3.93 -11.64
N TRP A 220 24.64 -3.01 -12.50
CA TRP A 220 25.06 -1.61 -12.45
C TRP A 220 23.90 -0.75 -12.03
N LEU A 221 24.21 0.37 -11.38
CA LEU A 221 23.23 1.20 -10.70
C LEU A 221 23.40 2.66 -11.09
N GLN A 222 22.28 3.35 -11.28
CA GLN A 222 22.29 4.79 -11.57
C GLN A 222 21.14 5.46 -10.84
N LEU A 223 21.36 6.72 -10.46
CA LEU A 223 20.36 7.52 -9.76
C LEU A 223 20.28 8.92 -10.36
N ARG A 224 19.10 9.52 -10.27
CA ARG A 224 18.91 10.93 -10.58
C ARG A 224 17.72 11.45 -9.77
N SER A 225 17.55 12.77 -9.79
CA SER A 225 16.53 13.39 -8.97
C SER A 225 15.92 14.59 -9.69
N GLN A 226 14.72 14.95 -9.27
CA GLN A 226 14.00 16.12 -9.74
C GLN A 226 13.41 16.87 -8.56
N PRO A 227 13.23 18.19 -8.67
CA PRO A 227 12.55 18.93 -7.61
C PRO A 227 11.13 18.43 -7.40
N ASP A 228 10.68 18.49 -6.15
CA ASP A 228 9.44 17.81 -5.79
C ASP A 228 8.21 18.40 -6.45
N GLY A 229 8.30 19.59 -7.04
CA GLY A 229 7.17 20.18 -7.74
C GLY A 229 6.18 20.93 -6.86
N VAL A 230 6.39 20.97 -5.55
CA VAL A 230 5.54 21.73 -4.64
C VAL A 230 6.25 22.98 -4.13
N SER A 231 7.43 22.82 -3.54
CA SER A 231 8.22 23.97 -3.11
C SER A 231 9.16 24.45 -4.21
N LEU A 232 10.02 23.55 -4.70
CA LEU A 232 10.92 23.83 -5.80
C LEU A 232 10.43 23.07 -7.03
N ARG A 233 10.47 23.73 -8.19
CA ARG A 233 9.95 23.14 -9.42
C ARG A 233 11.03 23.12 -10.49
N GLY A 234 11.06 22.04 -11.27
CA GLY A 234 12.06 21.83 -12.29
C GLY A 234 11.87 20.51 -13.02
N SER A 235 12.97 19.83 -13.37
CA SER A 235 12.88 18.54 -14.04
C SER A 235 14.09 17.69 -13.65
N TRP A 236 14.21 16.53 -14.29
CA TRP A 236 15.22 15.55 -13.89
C TRP A 236 16.62 16.05 -14.20
N GLY A 237 17.54 15.84 -13.25
CA GLY A 237 18.94 16.11 -13.48
C GLY A 237 19.65 14.94 -14.13
N PRO A 238 20.94 15.12 -14.40
CA PRO A 238 21.73 14.07 -15.04
C PRO A 238 21.82 12.82 -14.16
N TRP A 239 21.94 11.66 -14.82
CA TRP A 239 22.21 10.42 -14.11
C TRP A 239 23.62 10.42 -13.52
N SER A 240 23.78 9.66 -12.44
CA SER A 240 25.10 9.46 -11.83
C SER A 240 25.94 8.51 -12.68
N PHE A 241 27.22 8.42 -12.33
CA PHE A 241 28.07 7.39 -12.93
C PHE A 241 27.59 6.00 -12.51
N PRO A 242 27.74 5.00 -13.39
CA PRO A 242 27.29 3.65 -13.04
C PRO A 242 28.20 3.02 -11.99
N VAL A 243 27.58 2.40 -10.99
CA VAL A 243 28.29 1.68 -9.93
C VAL A 243 27.94 0.21 -10.05
N THR A 244 28.96 -0.64 -10.11
CA THR A 244 28.75 -2.08 -10.19
C THR A 244 28.47 -2.65 -8.80
N VAL A 245 27.47 -3.51 -8.71
CA VAL A 245 27.06 -4.13 -7.45
C VAL A 245 26.99 -5.64 -7.67
N ASP A 246 27.71 -6.39 -6.85
CA ASP A 246 27.74 -7.85 -6.96
C ASP A 246 26.77 -8.45 -5.95
N LEU A 247 25.53 -8.64 -6.39
CA LEU A 247 24.51 -9.26 -5.55
C LEU A 247 24.90 -10.68 -5.21
N PRO A 248 24.75 -11.11 -3.96
CA PRO A 248 25.06 -12.49 -3.60
C PRO A 248 24.02 -13.45 -4.15
N GLY A 249 24.46 -14.68 -4.39
CA GLY A 249 23.57 -15.69 -4.95
C GLY A 249 22.61 -16.25 -3.91
N ASP A 250 21.49 -16.74 -4.39
CA ASP A 250 20.56 -17.47 -3.54
C ASP A 250 21.21 -18.77 -3.09
N ALA A 251 21.28 -18.99 -1.77
CA ALA A 251 22.05 -20.09 -1.22
C ALA A 251 21.53 -21.46 -1.62
N VAL A 252 20.30 -21.56 -2.14
CA VAL A 252 19.77 -22.86 -2.54
C VAL A 252 20.62 -23.48 -3.64
N THR A 253 21.30 -22.66 -4.44
CA THR A 253 22.16 -23.18 -5.49
C THR A 253 23.37 -23.92 -4.93
N ILE A 254 23.71 -23.71 -3.67
CA ILE A 254 24.78 -24.46 -3.03
C ILE A 254 24.26 -25.35 -1.91
N GLY A 255 22.94 -25.57 -1.88
CA GLY A 255 22.37 -26.57 -0.98
C GLY A 255 22.32 -26.18 0.48
N LEU A 256 22.17 -24.89 0.79
CA LEU A 256 22.06 -24.47 2.17
C LEU A 256 20.80 -25.02 2.81
N GLN A 257 20.93 -25.61 3.99
CA GLN A 257 19.80 -26.05 4.78
C GLN A 257 20.10 -25.78 6.25
N CYS A 258 19.22 -25.01 6.90
CA CYS A 258 19.38 -24.66 8.30
C CYS A 258 18.21 -25.21 9.10
N PHE A 259 18.47 -25.59 10.35
CA PHE A 259 17.43 -26.16 11.20
C PHE A 259 17.81 -25.93 12.66
N THR A 260 16.81 -26.06 13.53
CA THR A 260 17.01 -25.83 14.96
C THR A 260 16.23 -26.87 15.74
N LEU A 261 16.95 -27.71 16.49
CA LEU A 261 16.28 -28.71 17.33
C LEU A 261 15.41 -28.05 18.38
N ASP A 262 15.90 -26.98 19.00
CA ASP A 262 15.14 -26.25 20.00
C ASP A 262 15.47 -24.78 19.86
N LEU A 263 14.63 -23.93 20.47
CA LEU A 263 14.70 -22.50 20.24
C LEU A 263 16.06 -21.89 20.60
N LYS A 264 16.85 -22.56 21.43
CA LYS A 264 18.10 -21.96 21.90
C LYS A 264 19.28 -22.15 20.94
N MET A 265 19.19 -23.05 19.97
CA MET A 265 20.34 -23.36 19.13
C MET A 265 19.90 -23.57 17.69
N VAL A 266 20.69 -23.06 16.75
CA VAL A 266 20.45 -23.21 15.31
C VAL A 266 21.64 -23.92 14.68
N THR A 267 21.36 -24.88 13.80
CA THR A 267 22.38 -25.57 13.04
C THR A 267 22.10 -25.42 11.54
N CYS A 268 23.15 -25.19 10.76
CA CYS A 268 23.00 -25.07 9.32
C CYS A 268 24.16 -25.77 8.61
N GLN A 269 23.94 -26.10 7.34
CA GLN A 269 24.92 -26.83 6.55
C GLN A 269 24.80 -26.42 5.09
N TRP A 270 25.92 -26.52 4.36
CA TRP A 270 25.94 -26.22 2.94
C TRP A 270 27.00 -27.07 2.24
N GLN A 271 26.79 -27.29 0.94
CA GLN A 271 27.59 -28.24 0.19
C GLN A 271 29.03 -27.80 0.04
N GLN A 272 29.95 -28.75 0.19
CA GLN A 272 31.37 -28.47 0.04
C GLN A 272 31.79 -28.52 -1.43
N GLN A 273 32.88 -27.83 -1.75
CA GLN A 273 33.50 -27.90 -3.07
C GLN A 273 34.96 -28.28 -2.91
N ASP A 274 35.48 -29.07 -3.86
CA ASP A 274 36.77 -29.73 -3.71
C ASP A 274 37.91 -28.76 -3.47
N ARG A 275 38.01 -27.71 -4.30
CA ARG A 275 39.17 -26.82 -4.28
C ARG A 275 38.93 -25.55 -3.48
N THR A 276 38.12 -25.62 -2.41
CA THR A 276 37.60 -24.43 -1.78
C THR A 276 37.67 -24.55 -0.26
N SER A 277 37.43 -23.43 0.39
CA SER A 277 37.12 -23.38 1.82
C SER A 277 36.02 -22.36 2.03
N SER A 278 35.29 -22.51 3.13
CA SER A 278 34.09 -21.70 3.33
C SER A 278 33.83 -21.48 4.81
N GLN A 279 32.99 -20.48 5.09
CA GLN A 279 32.54 -20.19 6.45
C GLN A 279 31.19 -19.49 6.39
N GLY A 280 30.44 -19.58 7.49
CA GLY A 280 29.11 -19.02 7.55
C GLY A 280 28.93 -18.09 8.73
N PHE A 281 27.92 -17.23 8.62
CA PHE A 281 27.62 -16.22 9.62
C PHE A 281 26.12 -15.97 9.65
N PHE A 282 25.65 -15.34 10.72
CA PHE A 282 24.21 -15.17 10.92
C PHE A 282 23.90 -13.78 11.48
N ARG A 283 22.63 -13.38 11.29
CA ARG A 283 22.10 -12.14 11.83
C ARG A 283 20.59 -12.27 11.97
N HIS A 284 19.99 -11.45 12.84
CA HIS A 284 18.55 -11.45 13.06
C HIS A 284 18.07 -10.04 13.32
N SER A 285 16.78 -9.80 13.07
CA SER A 285 16.21 -8.45 13.23
C SER A 285 14.73 -8.53 13.58
N ARG A 286 14.25 -7.50 14.28
CA ARG A 286 12.83 -7.37 14.57
C ARG A 286 12.08 -6.56 13.52
N THR A 287 12.78 -5.79 12.70
CA THR A 287 12.13 -4.81 11.85
C THR A 287 12.89 -4.65 10.55
N ARG A 288 12.28 -3.92 9.62
CA ARG A 288 12.79 -3.74 8.26
C ARG A 288 13.08 -2.28 7.97
N CYS A 289 13.70 -1.58 8.91
CA CYS A 289 13.96 -0.16 8.79
C CYS A 289 14.97 0.13 7.68
N CYS A 290 15.07 1.41 7.31
CA CYS A 290 16.06 1.86 6.35
C CYS A 290 17.46 1.50 6.84
N PRO A 291 18.30 0.91 6.00
CA PRO A 291 19.56 0.32 6.48
C PRO A 291 20.61 1.38 6.82
N THR A 292 21.61 0.92 7.58
CA THR A 292 22.69 1.78 8.05
C THR A 292 23.73 2.00 6.95
N ASP A 293 24.60 2.98 7.19
CA ASP A 293 25.76 3.19 6.33
C ASP A 293 26.76 2.04 6.46
N ARG A 294 27.09 1.66 7.71
CA ARG A 294 28.07 0.62 7.95
C ARG A 294 27.59 -0.73 7.45
N ASP A 295 28.53 -1.57 7.04
CA ASP A 295 28.19 -2.90 6.53
C ASP A 295 27.53 -3.73 7.63
N PRO A 296 26.70 -4.71 7.25
CA PRO A 296 26.06 -5.56 8.26
C PRO A 296 27.05 -6.26 9.17
N THR A 297 26.81 -6.22 10.48
CA THR A 297 27.69 -6.86 11.46
C THR A 297 27.20 -8.28 11.71
N TRP A 298 27.77 -9.23 10.98
CA TRP A 298 27.43 -10.64 11.19
C TRP A 298 28.00 -11.14 12.50
N GLU A 299 27.29 -12.09 13.10
CA GLU A 299 27.83 -12.84 14.22
C GLU A 299 28.43 -14.15 13.72
N LYS A 300 29.63 -14.47 14.23
CA LYS A 300 30.35 -15.66 13.79
C LYS A 300 29.64 -16.93 14.23
N CYS A 301 29.27 -17.76 13.27
CA CYS A 301 28.85 -19.12 13.60
C CYS A 301 30.08 -19.98 13.89
N GLU A 302 29.89 -21.01 14.70
CA GLU A 302 30.99 -21.85 15.18
C GLU A 302 30.82 -23.27 14.67
N GLU A 303 31.93 -23.83 14.19
CA GLU A 303 31.89 -25.13 13.54
C GLU A 303 31.75 -26.26 14.56
N GLU A 304 31.37 -27.43 14.05
CA GLU A 304 31.40 -28.67 14.81
C GLU A 304 32.84 -29.16 14.96
N GLU A 305 33.01 -30.23 15.72
CA GLU A 305 34.28 -30.95 15.75
C GLU A 305 34.47 -31.67 14.41
N PRO A 306 35.39 -31.21 13.55
CA PRO A 306 35.43 -31.74 12.18
C PRO A 306 35.86 -33.19 12.08
N ARG A 307 37.01 -33.54 12.67
CA ARG A 307 37.54 -34.89 12.53
C ARG A 307 36.61 -35.93 13.13
N PRO A 308 36.07 -35.74 14.35
CA PRO A 308 35.02 -36.65 14.81
C PRO A 308 33.79 -36.64 13.94
N GLY A 309 33.45 -35.48 13.36
CA GLY A 309 32.25 -35.36 12.56
C GLY A 309 32.33 -36.11 11.25
N SER A 310 33.20 -35.67 10.34
CA SER A 310 33.30 -36.29 9.03
C SER A 310 34.65 -35.96 8.43
N GLN A 311 35.49 -36.97 8.23
CA GLN A 311 36.77 -36.79 7.57
C GLN A 311 36.58 -36.32 6.12
N PRO A 312 35.70 -36.95 5.32
CA PRO A 312 35.47 -36.40 3.98
C PRO A 312 34.91 -34.98 3.99
N ALA A 313 34.02 -34.68 4.94
CA ALA A 313 33.38 -33.38 5.03
C ALA A 313 32.78 -32.97 3.68
N LEU A 314 32.09 -33.91 3.04
CA LEU A 314 31.46 -33.63 1.76
C LEU A 314 30.44 -32.50 1.86
N VAL A 315 29.90 -32.26 3.05
CA VAL A 315 29.00 -31.13 3.29
C VAL A 315 29.38 -30.51 4.63
N SER A 316 29.39 -29.18 4.67
CA SER A 316 29.77 -28.47 5.88
C SER A 316 28.68 -28.57 6.94
N ARG A 317 28.95 -27.99 8.10
CA ARG A 317 27.96 -27.85 9.17
C ARG A 317 28.42 -26.75 10.12
N CYS A 318 27.45 -26.06 10.72
CA CYS A 318 27.76 -25.00 11.67
C CYS A 318 26.59 -24.83 12.64
N HIS A 319 26.88 -24.24 13.80
CA HIS A 319 25.87 -24.08 14.85
C HIS A 319 26.11 -22.80 15.65
N PHE A 320 25.01 -22.22 16.15
CA PHE A 320 25.06 -21.05 17.01
C PHE A 320 23.78 -20.97 17.83
N LYS A 321 23.83 -20.16 18.90
CA LYS A 321 22.67 -19.95 19.75
C LYS A 321 21.66 -19.01 19.11
N SER A 322 20.38 -19.27 19.33
CA SER A 322 19.29 -18.55 18.67
C SER A 322 18.28 -18.00 19.67
N ARG A 323 17.15 -17.53 19.13
CA ARG A 323 16.09 -16.89 19.90
C ARG A 323 14.77 -17.05 19.14
N ASN A 324 13.66 -16.75 19.82
CA ASN A 324 12.33 -16.90 19.23
C ASN A 324 11.58 -15.57 19.08
N ASP A 325 12.29 -14.45 18.96
CA ASP A 325 11.63 -13.16 18.85
C ASP A 325 11.79 -12.47 17.49
N SER A 326 12.45 -13.10 16.52
CA SER A 326 12.86 -12.36 15.34
C SER A 326 13.04 -13.28 14.14
N VAL A 327 13.15 -12.66 12.96
CA VAL A 327 13.49 -13.35 11.71
C VAL A 327 15.01 -13.50 11.63
N ILE A 328 15.46 -14.62 11.06
CA ILE A 328 16.88 -14.94 10.97
C ILE A 328 17.35 -14.84 9.53
N HIS A 329 18.51 -14.22 9.33
CA HIS A 329 19.19 -14.15 8.04
C HIS A 329 20.57 -14.76 8.17
N ILE A 330 20.98 -15.55 7.17
CA ILE A 330 22.23 -16.29 7.20
C ILE A 330 22.96 -16.10 5.87
N LEU A 331 24.27 -15.83 5.95
CA LEU A 331 25.13 -15.64 4.79
C LEU A 331 26.35 -16.54 4.89
N VAL A 332 26.74 -17.15 3.77
CA VAL A 332 27.92 -18.00 3.71
C VAL A 332 28.79 -17.53 2.55
N GLU A 333 30.11 -17.71 2.72
CA GLU A 333 31.10 -17.30 1.73
C GLU A 333 32.08 -18.43 1.50
N VAL A 334 32.58 -18.51 0.27
CA VAL A 334 33.48 -19.58 -0.15
C VAL A 334 34.68 -18.97 -0.85
N THR A 335 35.86 -19.52 -0.59
CA THR A 335 37.11 -19.07 -1.20
C THR A 335 37.73 -20.20 -2.01
N THR A 336 38.31 -19.85 -3.15
CA THR A 336 38.89 -20.83 -4.05
C THR A 336 40.38 -21.01 -3.76
N ALA A 337 40.93 -22.14 -4.25
CA ALA A 337 42.36 -22.36 -4.20
C ALA A 337 43.12 -21.34 -5.02
N GLN A 338 42.47 -20.74 -6.02
CA GLN A 338 43.05 -19.61 -6.73
C GLN A 338 43.07 -18.36 -5.87
N GLY A 339 42.16 -18.24 -4.92
CA GLY A 339 42.13 -17.13 -4.00
C GLY A 339 40.90 -16.25 -4.08
N ALA A 340 40.08 -16.38 -5.10
CA ALA A 340 38.87 -15.58 -5.21
C ALA A 340 37.86 -15.98 -4.15
N VAL A 341 36.88 -15.10 -3.92
CA VAL A 341 35.86 -15.30 -2.91
C VAL A 341 34.49 -15.06 -3.53
N HIS A 342 33.52 -15.88 -3.14
CA HIS A 342 32.12 -15.70 -3.53
C HIS A 342 31.26 -15.78 -2.28
N SER A 343 30.10 -15.11 -2.33
CA SER A 343 29.19 -15.04 -1.20
C SER A 343 27.80 -15.49 -1.63
N TYR A 344 27.09 -16.11 -0.69
CA TYR A 344 25.76 -16.63 -0.94
C TYR A 344 24.85 -16.30 0.24
N LEU A 345 23.60 -15.97 -0.06
CA LEU A 345 22.65 -15.47 0.93
C LEU A 345 21.46 -16.42 1.02
N GLY A 346 21.16 -16.86 2.24
CA GLY A 346 20.07 -17.80 2.45
C GLY A 346 18.71 -17.14 2.57
N SER A 347 17.67 -17.93 2.32
CA SER A 347 16.31 -17.45 2.45
C SER A 347 15.99 -17.15 3.92
N PRO A 348 15.23 -16.10 4.20
CA PRO A 348 14.86 -15.80 5.59
C PRO A 348 13.81 -16.77 6.11
N PHE A 349 13.78 -16.93 7.44
CA PHE A 349 12.80 -17.80 8.07
C PHE A 349 12.51 -17.31 9.48
N TRP A 350 11.26 -17.50 9.90
CA TRP A 350 10.93 -17.41 11.31
C TRP A 350 11.40 -18.68 12.01
N ILE A 351 11.57 -18.59 13.32
CA ILE A 351 12.07 -19.76 14.07
C ILE A 351 11.03 -20.88 14.02
N HIS A 352 9.74 -20.55 14.07
CA HIS A 352 8.71 -21.58 14.03
C HIS A 352 8.56 -22.17 12.64
N GLN A 353 9.11 -21.52 11.61
CA GLN A 353 9.19 -22.12 10.29
C GLN A 353 10.39 -23.04 10.14
N ALA A 354 11.25 -23.13 11.15
CA ALA A 354 12.52 -23.84 11.05
C ALA A 354 12.69 -24.94 12.09
N VAL A 355 11.65 -25.29 12.83
CA VAL A 355 11.74 -26.25 13.93
C VAL A 355 12.23 -27.59 13.40
N LEU A 356 13.38 -28.03 13.89
CA LEU A 356 13.94 -29.34 13.53
C LEU A 356 13.51 -30.41 14.53
N LEU A 357 12.23 -30.73 14.50
CA LEU A 357 11.70 -31.78 15.36
C LEU A 357 12.45 -33.09 15.10
N PRO A 358 12.86 -33.81 16.14
CA PRO A 358 13.60 -35.05 15.93
C PRO A 358 12.71 -36.15 15.35
N THR A 359 13.35 -37.26 15.02
CA THR A 359 12.65 -38.38 14.44
C THR A 359 11.55 -38.88 15.37
N PRO A 360 10.37 -39.21 14.85
CA PRO A 360 9.24 -39.56 15.73
C PRO A 360 9.37 -40.93 16.35
N SER A 361 8.62 -41.12 17.43
CA SER A 361 8.50 -42.42 18.10
C SER A 361 7.46 -43.30 17.41
N LEU A 362 7.82 -43.77 16.21
CA LEU A 362 6.94 -44.61 15.41
C LEU A 362 6.46 -45.83 16.22
N HIS A 363 5.15 -46.03 16.24
CA HIS A 363 4.54 -47.13 16.97
C HIS A 363 3.51 -47.81 16.08
N TRP A 364 3.37 -49.12 16.24
CA TRP A 364 2.46 -49.89 15.40
C TRP A 364 1.85 -51.03 16.21
N ARG A 365 0.65 -51.45 15.81
CA ARG A 365 -0.07 -52.52 16.47
C ARG A 365 -0.98 -53.20 15.47
N GLU A 366 -0.84 -54.51 15.33
CA GLU A 366 -1.63 -55.26 14.36
C GLU A 366 -3.03 -55.53 14.90
N VAL A 367 -4.05 -55.06 14.18
CA VAL A 367 -5.41 -55.49 14.47
C VAL A 367 -5.60 -56.94 14.06
N SER A 368 -4.86 -57.40 13.06
CA SER A 368 -4.88 -58.79 12.64
C SER A 368 -3.58 -59.05 11.88
N SER A 369 -3.29 -60.34 11.67
CA SER A 369 -2.09 -60.70 10.94
C SER A 369 -2.18 -60.19 9.52
N GLY A 370 -1.36 -59.19 9.20
CA GLY A 370 -1.42 -58.53 7.91
C GLY A 370 -2.23 -57.26 7.86
N ARG A 371 -2.78 -56.80 8.99
CA ARG A 371 -3.48 -55.53 9.05
C ARG A 371 -3.19 -54.88 10.39
N LEU A 372 -2.53 -53.73 10.36
CA LEU A 372 -2.04 -53.07 11.56
C LEU A 372 -2.41 -51.59 11.56
N GLU A 373 -2.83 -51.10 12.72
CA GLU A 373 -2.91 -49.67 12.96
C GLU A 373 -1.54 -49.13 13.32
N LEU A 374 -1.37 -47.81 13.14
CA LEU A 374 -0.12 -47.15 13.46
C LEU A 374 -0.39 -45.99 14.39
N GLU A 375 0.58 -45.72 15.27
CA GLU A 375 0.45 -44.70 16.30
C GLU A 375 1.84 -44.25 16.72
N TRP A 376 1.92 -43.54 17.83
CA TRP A 376 3.17 -42.95 18.29
C TRP A 376 3.32 -43.16 19.79
N GLN A 377 4.55 -43.47 20.20
CA GLN A 377 4.85 -43.52 21.63
C GLN A 377 4.83 -42.11 22.19
N HIS A 378 3.93 -41.87 23.14
CA HIS A 378 3.63 -40.51 23.57
C HIS A 378 4.85 -39.85 24.21
N GLN A 379 5.30 -38.75 23.61
CA GLN A 379 6.35 -37.91 24.16
C GLN A 379 6.38 -36.60 23.36
N SER A 380 6.93 -35.56 23.99
CA SER A 380 7.06 -34.24 23.36
C SER A 380 5.73 -33.78 22.75
N SER A 381 4.64 -33.99 23.50
CA SER A 381 3.31 -33.69 22.99
C SER A 381 3.16 -32.23 22.58
N TRP A 382 3.94 -31.32 23.17
CA TRP A 382 3.83 -29.90 22.82
C TRP A 382 4.07 -29.67 21.33
N ALA A 383 4.86 -30.54 20.70
CA ALA A 383 5.10 -30.51 19.26
C ALA A 383 4.49 -31.71 18.54
N ALA A 384 4.60 -32.89 19.13
CA ALA A 384 4.17 -34.12 18.45
C ALA A 384 2.67 -34.12 18.17
N GLN A 385 1.87 -33.41 18.95
CA GLN A 385 0.42 -33.49 18.81
C GLN A 385 -0.10 -32.84 17.54
N GLU A 386 0.68 -32.01 16.86
CA GLU A 386 0.20 -31.29 15.69
C GLU A 386 1.11 -31.44 14.47
N THR A 387 2.16 -32.25 14.53
CA THR A 387 3.12 -32.34 13.44
C THR A 387 2.55 -33.17 12.28
N CYS A 388 3.18 -32.99 11.12
CA CYS A 388 2.74 -33.65 9.88
C CYS A 388 3.67 -34.84 9.60
N TYR A 389 3.23 -36.02 10.03
CA TYR A 389 3.99 -37.24 9.78
C TYR A 389 3.94 -37.64 8.31
N GLN A 390 4.97 -38.38 7.89
CA GLN A 390 5.06 -38.93 6.55
C GLN A 390 5.85 -40.24 6.62
N LEU A 391 5.42 -41.24 5.86
CA LEU A 391 5.99 -42.57 6.01
C LEU A 391 6.01 -43.31 4.66
N ARG A 392 6.82 -44.37 4.63
CA ARG A 392 6.91 -45.26 3.47
C ARG A 392 7.33 -46.64 3.95
N TYR A 393 7.01 -47.66 3.15
CA TYR A 393 7.39 -49.02 3.51
C TYR A 393 7.41 -49.92 2.29
N THR A 394 8.09 -51.05 2.42
CA THR A 394 8.24 -52.02 1.35
C THR A 394 8.50 -53.40 1.95
N GLY A 395 8.40 -54.43 1.10
CA GLY A 395 8.55 -55.81 1.54
C GLY A 395 10.00 -56.31 1.50
N GLU A 396 10.16 -57.58 1.86
CA GLU A 396 11.47 -58.22 1.90
C GLU A 396 12.10 -58.23 0.51
N GLY A 397 13.35 -57.77 0.43
CA GLY A 397 14.09 -57.75 -0.81
C GLY A 397 13.50 -56.86 -1.88
N ARG A 398 12.44 -56.13 -1.58
CA ARG A 398 11.72 -55.33 -2.55
C ARG A 398 12.26 -53.90 -2.58
N GLU A 399 11.91 -53.20 -3.66
CA GLU A 399 12.21 -51.78 -3.78
C GLU A 399 10.99 -51.00 -4.26
N ASP A 400 9.79 -51.53 -4.05
CA ASP A 400 8.55 -50.88 -4.43
C ASP A 400 7.92 -50.29 -3.18
N TRP A 401 7.61 -48.99 -3.22
CA TRP A 401 7.35 -48.21 -2.03
C TRP A 401 5.85 -47.98 -1.85
N LYS A 402 5.33 -48.41 -0.71
CA LYS A 402 4.02 -47.99 -0.24
C LYS A 402 4.14 -46.72 0.59
N VAL A 403 3.12 -45.87 0.52
CA VAL A 403 3.19 -44.51 1.07
C VAL A 403 1.90 -44.21 1.82
N LEU A 404 1.99 -43.28 2.77
CA LEU A 404 0.82 -42.69 3.42
C LEU A 404 1.12 -41.23 3.75
N GLU A 405 0.06 -40.42 3.83
CA GLU A 405 0.17 -39.04 4.30
C GLU A 405 -1.14 -38.64 4.98
N PRO A 406 -1.22 -38.78 6.30
CA PRO A 406 -2.44 -38.40 7.01
C PRO A 406 -2.49 -36.90 7.30
N SER A 407 -3.51 -36.51 8.05
CA SER A 407 -3.79 -35.12 8.35
C SER A 407 -2.82 -34.57 9.39
N LEU A 408 -2.95 -33.26 9.65
CA LEU A 408 -2.09 -32.57 10.61
C LEU A 408 -2.38 -33.06 12.02
N GLY A 409 -1.33 -33.51 12.71
CA GLY A 409 -1.47 -34.02 14.07
C GLY A 409 -2.08 -35.39 14.17
N ALA A 410 -2.31 -36.07 13.04
CA ALA A 410 -2.97 -37.36 13.04
C ALA A 410 -2.04 -38.45 13.60
N ARG A 411 -2.67 -39.52 14.09
CA ARG A 411 -1.93 -40.72 14.42
C ARG A 411 -1.40 -41.38 13.14
N GLY A 412 -0.66 -42.47 13.32
CA GLY A 412 -0.08 -43.15 12.17
C GLY A 412 -1.07 -43.78 11.23
N GLY A 413 -2.35 -43.86 11.61
CA GLY A 413 -3.35 -44.45 10.74
C GLY A 413 -3.31 -45.96 10.71
N THR A 414 -3.25 -46.54 9.52
CA THR A 414 -3.25 -47.99 9.39
C THR A 414 -2.55 -48.39 8.09
N LEU A 415 -2.18 -49.66 8.01
CA LEU A 415 -1.53 -50.22 6.84
C LEU A 415 -1.87 -51.70 6.76
N GLU A 416 -1.62 -52.28 5.58
CA GLU A 416 -1.94 -53.69 5.34
C GLU A 416 -0.72 -54.39 4.77
N LEU A 417 -0.68 -55.70 4.94
CA LEU A 417 0.42 -56.51 4.44
C LEU A 417 -0.04 -57.96 4.37
N ARG A 418 0.75 -58.78 3.69
CA ARG A 418 0.49 -60.20 3.67
C ARG A 418 0.69 -60.78 5.07
N PRO A 419 -0.19 -61.67 5.54
CA PRO A 419 -0.05 -62.21 6.90
C PRO A 419 1.29 -62.87 7.15
N ARG A 420 2.00 -62.39 8.18
CA ARG A 420 3.29 -62.92 8.63
C ARG A 420 4.37 -62.83 7.56
N ALA A 421 4.19 -62.03 6.52
CA ALA A 421 5.25 -61.83 5.55
C ALA A 421 6.20 -60.73 6.01
N ARG A 422 7.41 -60.74 5.46
CA ARG A 422 8.44 -59.80 5.87
C ARG A 422 8.20 -58.42 5.27
N TYR A 423 8.25 -57.39 6.11
CA TYR A 423 8.07 -56.00 5.67
C TYR A 423 8.89 -55.08 6.56
N SER A 424 9.16 -53.88 6.06
CA SER A 424 9.86 -52.85 6.82
C SER A 424 9.35 -51.47 6.40
N LEU A 425 9.49 -50.50 7.31
CA LEU A 425 8.93 -49.18 7.11
C LEU A 425 9.90 -48.09 7.60
N GLN A 426 9.66 -46.87 7.14
CA GLN A 426 10.42 -45.70 7.53
C GLN A 426 9.52 -44.47 7.43
N LEU A 427 9.87 -43.42 8.18
CA LEU A 427 9.03 -42.23 8.23
C LEU A 427 9.87 -40.97 8.35
N ARG A 428 9.25 -39.84 8.00
CA ARG A 428 9.79 -38.50 8.24
C ARG A 428 8.64 -37.55 8.52
N ALA A 429 8.96 -36.36 9.00
CA ALA A 429 7.90 -35.44 9.40
C ALA A 429 8.35 -34.00 9.26
N ARG A 430 7.37 -33.10 9.22
CA ARG A 430 7.58 -31.67 9.35
C ARG A 430 6.51 -31.08 10.26
N LEU A 431 6.87 -30.05 11.02
CA LEU A 431 5.97 -29.44 12.00
C LEU A 431 5.01 -28.46 11.31
N ASN A 432 4.12 -29.03 10.49
CA ASN A 432 3.27 -28.25 9.61
C ASN A 432 1.96 -27.80 10.26
N GLY A 433 1.65 -28.28 11.46
CA GLY A 433 0.47 -27.83 12.16
C GLY A 433 0.55 -26.35 12.46
N PRO A 434 -0.50 -25.61 12.10
CA PRO A 434 -0.41 -24.14 12.07
C PRO A 434 0.04 -23.51 13.37
N THR A 435 0.13 -24.28 14.45
CA THR A 435 0.87 -23.83 15.62
C THR A 435 2.33 -23.56 15.28
N TYR A 436 2.88 -24.28 14.30
CA TYR A 436 4.25 -24.08 13.86
C TYR A 436 4.30 -24.26 12.34
N GLN A 437 5.49 -24.03 11.76
CA GLN A 437 5.62 -24.06 10.31
C GLN A 437 6.90 -24.76 9.87
N GLY A 438 7.34 -25.77 10.62
CA GLY A 438 8.65 -26.35 10.45
C GLY A 438 8.87 -27.05 9.12
N PRO A 439 10.13 -27.23 8.75
CA PRO A 439 10.47 -27.91 7.51
C PRO A 439 10.66 -29.41 7.72
N TRP A 440 10.97 -30.09 6.63
CA TRP A 440 11.17 -31.54 6.68
C TRP A 440 12.39 -31.90 7.54
N SER A 441 12.20 -32.85 8.44
CA SER A 441 13.29 -33.41 9.20
C SER A 441 13.87 -34.63 8.48
N ALA A 442 15.04 -35.07 8.94
CA ALA A 442 15.65 -36.26 8.39
C ALA A 442 14.81 -37.50 8.71
N TRP A 443 14.93 -38.51 7.86
CA TRP A 443 14.14 -39.72 8.03
C TRP A 443 14.52 -40.44 9.31
N SER A 444 13.54 -41.11 9.90
CA SER A 444 13.77 -42.06 10.99
C SER A 444 14.54 -43.25 10.42
N PRO A 445 15.22 -44.03 11.23
CA PRO A 445 15.85 -45.26 10.72
C PRO A 445 14.80 -46.22 10.18
N PRO A 446 15.10 -46.93 9.11
CA PRO A 446 14.18 -47.97 8.66
C PRO A 446 14.09 -49.10 9.67
N ALA A 447 12.86 -49.58 9.90
CA ALA A 447 12.60 -50.58 10.90
C ALA A 447 11.73 -51.68 10.32
N ARG A 448 12.08 -52.93 10.62
CA ARG A 448 11.33 -54.09 10.14
C ARG A 448 10.17 -54.36 11.09
N VAL A 449 8.94 -54.16 10.60
CA VAL A 449 7.76 -54.40 11.40
C VAL A 449 7.13 -55.76 11.14
N SER A 450 7.58 -56.46 10.10
CA SER A 450 6.99 -57.75 9.75
C SER A 450 8.03 -58.66 9.12
N ASP B 2 -30.76 12.57 14.94
CA ASP B 2 -30.62 13.99 15.23
C ASP B 2 -29.23 14.27 15.79
N VAL B 3 -28.66 15.41 15.39
CA VAL B 3 -27.29 15.75 15.77
C VAL B 3 -27.24 16.44 17.13
N PHE B 4 -28.24 17.27 17.44
CA PHE B 4 -28.20 18.08 18.67
C PHE B 4 -28.07 17.22 19.92
N LEU B 5 -28.64 16.02 19.91
CA LEU B 5 -28.56 15.15 21.08
C LEU B 5 -27.12 14.75 21.37
N LEU B 6 -26.33 14.50 20.33
CA LEU B 6 -25.01 13.92 20.51
C LEU B 6 -23.95 14.93 20.92
N ALA B 7 -24.24 16.23 20.82
CA ALA B 7 -23.26 17.24 21.18
C ALA B 7 -23.31 17.65 22.65
N LEU B 8 -24.35 17.27 23.39
CA LEU B 8 -24.55 17.85 24.71
C LEU B 8 -23.47 17.41 25.69
N GLY B 9 -23.12 16.13 25.71
CA GLY B 9 -22.06 15.64 26.57
C GLY B 9 -22.25 15.93 28.04
N THR B 10 -21.26 16.57 28.67
CA THR B 10 -21.26 16.81 30.11
C THR B 10 -20.89 18.27 30.39
N GLU B 11 -21.51 19.18 29.66
CA GLU B 11 -21.17 20.59 29.73
C GLU B 11 -22.43 21.43 29.81
N PRO B 12 -22.35 22.64 30.35
CA PRO B 12 -23.53 23.50 30.42
C PRO B 12 -23.83 24.21 29.10
N LEU B 13 -22.80 24.48 28.32
CA LEU B 13 -22.93 25.14 27.04
C LEU B 13 -22.17 24.34 25.99
N ASN B 14 -22.82 24.03 24.88
CA ASN B 14 -22.24 23.16 23.87
C ASN B 14 -22.39 23.77 22.49
N CYS B 15 -21.30 23.80 21.74
CA CYS B 15 -21.30 24.19 20.34
C CYS B 15 -20.72 23.04 19.53
N PHE B 16 -20.99 23.05 18.23
CA PHE B 16 -20.43 22.04 17.33
C PHE B 16 -20.32 22.61 15.93
N SER B 17 -19.23 22.28 15.24
CA SER B 17 -19.00 22.65 13.85
C SER B 17 -18.94 21.39 13.00
N GLN B 18 -19.61 21.43 11.84
CA GLN B 18 -19.70 20.24 10.99
C GLN B 18 -18.78 20.31 9.78
N THR B 19 -18.69 21.46 9.11
CA THR B 19 -17.81 21.64 7.98
C THR B 19 -16.47 22.24 8.38
N PHE B 20 -16.32 22.64 9.65
CA PHE B 20 -15.19 23.43 10.14
C PHE B 20 -15.07 24.78 9.44
N GLU B 21 -16.17 25.25 8.86
CA GLU B 21 -16.30 26.64 8.43
C GLU B 21 -17.67 27.19 8.79
N ASP B 22 -18.36 26.54 9.73
CA ASP B 22 -19.65 26.97 10.24
C ASP B 22 -19.67 26.68 11.73
N LEU B 23 -20.53 27.39 12.46
CA LEU B 23 -20.61 27.16 13.90
C LEU B 23 -22.02 27.44 14.39
N THR B 24 -22.51 26.57 15.28
CA THR B 24 -23.74 26.81 16.01
C THR B 24 -23.55 26.37 17.46
N CYS B 25 -24.20 27.09 18.38
CA CYS B 25 -24.08 26.80 19.80
C CYS B 25 -25.44 26.88 20.45
N PHE B 26 -25.63 26.11 21.53
CA PHE B 26 -26.92 26.01 22.18
C PHE B 26 -26.74 25.68 23.65
N TRP B 27 -27.80 25.94 24.42
CA TRP B 27 -27.88 25.50 25.81
C TRP B 27 -29.34 25.24 26.15
N ASP B 28 -29.57 24.44 27.17
CA ASP B 28 -30.89 23.98 27.56
C ASP B 28 -31.28 24.47 28.95
N GLU B 29 -32.57 24.72 29.15
CA GLU B 29 -33.13 24.92 30.47
C GLU B 29 -34.59 24.48 30.45
N GLU B 30 -35.07 23.99 31.60
CA GLU B 30 -36.43 23.46 31.67
C GLU B 30 -37.49 24.55 31.54
N GLU B 31 -37.18 25.76 32.00
CA GLU B 31 -38.18 26.83 32.01
C GLU B 31 -38.32 27.48 30.63
N ALA B 32 -39.03 28.59 30.57
CA ALA B 32 -39.18 29.33 29.33
C ALA B 32 -39.17 30.82 29.66
N ALA B 33 -38.83 31.63 28.66
CA ALA B 33 -38.65 33.06 28.87
C ALA B 33 -39.15 33.79 27.65
N PRO B 34 -39.53 35.06 27.79
CA PRO B 34 -39.92 35.86 26.64
C PRO B 34 -38.70 36.27 25.83
N SER B 35 -38.97 36.88 24.67
CA SER B 35 -37.91 37.27 23.75
C SER B 35 -37.04 38.37 24.35
N GLY B 36 -35.81 38.48 23.84
CA GLY B 36 -34.88 39.50 24.26
C GLY B 36 -34.23 39.28 25.62
N THR B 37 -34.53 38.18 26.30
CA THR B 37 -34.03 37.93 27.65
C THR B 37 -32.65 37.30 27.67
N TYR B 38 -32.06 36.98 26.51
CA TYR B 38 -30.78 36.30 26.49
C TYR B 38 -29.91 36.85 25.36
N GLN B 39 -28.60 36.80 25.57
CA GLN B 39 -27.62 37.07 24.52
C GLN B 39 -26.42 36.16 24.70
N LEU B 40 -25.96 35.57 23.60
CA LEU B 40 -24.77 34.73 23.59
C LEU B 40 -23.61 35.57 23.06
N LEU B 41 -22.98 36.31 23.96
CA LEU B 41 -21.86 37.15 23.55
C LEU B 41 -20.63 36.30 23.29
N TYR B 42 -19.83 36.72 22.31
CA TYR B 42 -18.63 36.00 21.93
C TYR B 42 -17.54 36.99 21.54
N ALA B 43 -16.29 36.55 21.69
CA ALA B 43 -15.15 37.32 21.22
C ALA B 43 -13.94 36.41 21.17
N TYR B 44 -13.13 36.56 20.14
CA TYR B 44 -11.83 35.92 20.11
C TYR B 44 -10.81 36.77 20.88
N ARG B 45 -9.70 36.15 21.25
CA ARG B 45 -8.69 36.81 22.07
C ARG B 45 -8.26 38.13 21.47
N GLY B 46 -8.54 39.21 22.20
CA GLY B 46 -8.16 40.54 21.77
C GLY B 46 -9.14 41.24 20.86
N GLU B 47 -10.43 41.21 21.21
CA GLU B 47 -11.45 41.91 20.44
C GLU B 47 -12.50 42.49 21.38
N LYS B 48 -13.23 43.47 20.88
CA LYS B 48 -14.41 43.97 21.58
C LYS B 48 -15.54 42.97 21.45
N PRO B 49 -16.27 42.68 22.53
CA PRO B 49 -17.31 41.64 22.47
C PRO B 49 -18.38 41.95 21.42
N ARG B 50 -18.94 40.87 20.86
CA ARG B 50 -19.90 40.96 19.77
C ARG B 50 -21.02 39.97 19.98
N ALA B 51 -22.19 40.27 19.42
CA ALA B 51 -23.43 39.56 19.74
C ALA B 51 -23.79 38.56 18.66
N CYS B 52 -24.14 37.36 19.08
CA CYS B 52 -24.63 36.34 18.16
C CYS B 52 -26.11 36.56 17.86
N PRO B 53 -26.54 36.40 16.59
CA PRO B 53 -27.96 36.54 16.27
C PRO B 53 -28.80 35.36 16.76
N LEU B 54 -29.12 35.37 18.05
CA LEU B 54 -29.80 34.25 18.68
C LEU B 54 -31.22 34.09 18.15
N TYR B 55 -31.69 32.83 18.14
CA TYR B 55 -33.10 32.51 17.99
C TYR B 55 -33.46 31.42 18.98
N SER B 56 -34.74 31.33 19.32
CA SER B 56 -35.23 30.44 20.36
C SER B 56 -36.13 29.36 19.78
N GLN B 57 -36.13 28.20 20.43
CA GLN B 57 -36.86 27.03 19.95
C GLN B 57 -37.47 26.28 21.13
N SER B 58 -38.75 25.96 21.02
CA SER B 58 -39.45 25.20 22.06
C SER B 58 -39.26 23.70 21.86
N VAL B 59 -38.77 23.01 22.88
CA VAL B 59 -38.59 21.56 22.87
C VAL B 59 -39.04 21.00 24.21
N PRO B 60 -40.33 20.65 24.36
CA PRO B 60 -40.84 20.19 25.67
C PRO B 60 -40.10 19.01 26.27
N THR B 61 -39.44 18.20 25.44
CA THR B 61 -38.62 17.11 25.96
C THR B 61 -37.51 17.61 26.87
N PHE B 62 -36.97 18.80 26.57
CA PHE B 62 -35.95 19.40 27.42
C PHE B 62 -36.24 20.89 27.62
N GLY B 63 -37.51 21.22 27.80
CA GLY B 63 -37.91 22.60 28.03
C GLY B 63 -37.71 23.55 26.86
N THR B 64 -36.77 24.47 27.01
CA THR B 64 -36.51 25.50 26.01
C THR B 64 -35.03 25.45 25.63
N ARG B 65 -34.76 25.55 24.34
CA ARG B 65 -33.39 25.51 23.81
C ARG B 65 -33.15 26.76 22.97
N TYR B 66 -32.03 27.44 23.23
CA TYR B 66 -31.64 28.63 22.51
C TYR B 66 -30.48 28.31 21.58
N VAL B 67 -30.56 28.77 20.33
CA VAL B 67 -29.58 28.41 19.31
C VAL B 67 -29.17 29.67 18.56
N CYS B 68 -27.88 29.80 18.28
CA CYS B 68 -27.37 30.80 17.36
C CYS B 68 -26.57 30.12 16.25
N GLN B 69 -26.51 30.77 15.10
CA GLN B 69 -25.67 30.34 13.99
C GLN B 69 -24.66 31.45 13.69
N PHE B 70 -23.38 31.14 13.83
CA PHE B 70 -22.35 32.14 13.63
C PHE B 70 -22.25 32.51 12.15
N PRO B 71 -22.06 33.79 11.83
CA PRO B 71 -21.81 34.19 10.44
C PRO B 71 -20.58 33.49 9.91
N ALA B 72 -20.77 32.67 8.88
CA ALA B 72 -19.70 31.82 8.38
C ALA B 72 -18.58 32.59 7.69
N GLN B 73 -18.78 33.88 7.42
CA GLN B 73 -17.77 34.63 6.65
C GLN B 73 -16.42 34.63 7.36
N ASP B 74 -16.34 35.29 8.51
CA ASP B 74 -15.06 35.35 9.22
C ASP B 74 -15.20 35.18 10.73
N GLU B 75 -16.36 34.82 11.24
CA GLU B 75 -16.56 34.70 12.68
C GLU B 75 -16.26 33.31 13.20
N VAL B 76 -15.89 32.36 12.34
CA VAL B 76 -15.44 31.04 12.77
C VAL B 76 -13.95 30.94 12.46
N ARG B 77 -13.16 30.72 13.51
CA ARG B 77 -11.71 30.57 13.37
C ARG B 77 -11.28 29.35 14.16
N LEU B 78 -10.47 28.48 13.55
CA LEU B 78 -10.23 27.17 14.12
C LEU B 78 -9.36 27.24 15.38
N PHE B 79 -8.14 27.75 15.25
CA PHE B 79 -7.13 27.56 16.28
C PHE B 79 -6.99 28.74 17.24
N PHE B 80 -7.74 29.81 17.04
CA PHE B 80 -7.71 30.87 18.03
C PHE B 80 -8.74 30.61 19.13
N PRO B 81 -8.45 31.00 20.37
CA PRO B 81 -9.42 30.78 21.45
C PRO B 81 -10.63 31.69 21.31
N LEU B 82 -11.80 31.12 21.57
CA LEU B 82 -13.07 31.84 21.48
C LEU B 82 -13.70 31.93 22.86
N HIS B 83 -13.96 33.14 23.31
CA HIS B 83 -14.66 33.36 24.57
C HIS B 83 -16.17 33.33 24.35
N LEU B 84 -16.88 32.68 25.26
CA LEU B 84 -18.34 32.57 25.18
C LEU B 84 -18.96 32.98 26.50
N TRP B 85 -19.92 33.90 26.44
CA TRP B 85 -20.61 34.38 27.63
C TRP B 85 -22.12 34.33 27.40
N VAL B 86 -22.84 33.66 28.30
CA VAL B 86 -24.29 33.62 28.30
C VAL B 86 -24.79 34.43 29.48
N LYS B 87 -25.67 35.39 29.21
CA LYS B 87 -26.21 36.22 30.28
C LYS B 87 -27.55 36.81 29.87
N ASN B 88 -28.39 37.07 30.87
CA ASN B 88 -29.58 37.88 30.67
C ASN B 88 -29.18 39.35 30.59
N VAL B 89 -29.55 40.01 29.50
CA VAL B 89 -28.99 41.34 29.22
C VAL B 89 -29.41 42.35 30.27
N SER B 90 -30.64 42.27 30.77
CA SER B 90 -31.12 43.22 31.78
C SER B 90 -30.45 42.98 33.12
N LEU B 91 -30.39 41.71 33.55
CA LEU B 91 -29.77 41.40 34.83
C LEU B 91 -28.25 41.55 34.75
N ASN B 92 -27.67 41.28 33.59
CA ASN B 92 -26.24 41.47 33.34
C ASN B 92 -25.38 40.68 34.33
N GLN B 93 -25.54 39.36 34.27
CA GLN B 93 -24.64 38.46 34.99
C GLN B 93 -24.42 37.22 34.13
N THR B 94 -23.16 36.80 34.02
CA THR B 94 -22.76 35.73 33.11
C THR B 94 -23.20 34.40 33.69
N LEU B 95 -24.35 33.91 33.24
CA LEU B 95 -24.85 32.63 33.70
C LEU B 95 -23.88 31.50 33.37
N ILE B 96 -23.38 31.47 32.14
CA ILE B 96 -22.47 30.43 31.68
C ILE B 96 -21.28 31.08 30.98
N GLN B 97 -20.07 30.58 31.27
CA GLN B 97 -18.86 31.06 30.64
C GLN B 97 -18.01 29.89 30.18
N ARG B 98 -17.45 30.00 28.97
CA ARG B 98 -16.59 28.97 28.43
C ARG B 98 -15.63 29.57 27.41
N VAL B 99 -14.44 28.98 27.31
CA VAL B 99 -13.43 29.36 26.33
C VAL B 99 -13.21 28.18 25.43
N LEU B 100 -13.34 28.37 24.12
CA LEU B 100 -13.43 27.27 23.17
C LEU B 100 -12.51 27.49 21.97
N PHE B 101 -11.83 26.42 21.58
CA PHE B 101 -11.16 26.33 20.29
C PHE B 101 -12.05 25.55 19.33
N VAL B 102 -12.39 26.16 18.20
CA VAL B 102 -13.36 25.55 17.29
C VAL B 102 -12.86 24.22 16.75
N ASP B 103 -11.54 24.05 16.67
CA ASP B 103 -10.98 22.81 16.14
C ASP B 103 -11.24 21.61 17.04
N SER B 104 -11.76 21.80 18.25
CA SER B 104 -11.90 20.72 19.22
C SER B 104 -13.33 20.21 19.39
N VAL B 105 -14.30 20.77 18.67
CA VAL B 105 -15.70 20.40 18.89
C VAL B 105 -16.37 19.94 17.59
N GLY B 106 -15.58 19.42 16.65
CA GLY B 106 -16.12 19.06 15.35
C GLY B 106 -17.08 17.89 15.43
N LEU B 107 -18.20 18.01 14.72
CA LEU B 107 -19.18 16.94 14.55
C LEU B 107 -19.37 16.68 13.07
N PRO B 108 -18.69 15.67 12.50
CA PRO B 108 -18.74 15.47 11.05
C PRO B 108 -20.05 14.83 10.62
N ALA B 109 -20.54 15.26 9.45
CA ALA B 109 -21.73 14.66 8.88
C ALA B 109 -21.42 13.28 8.31
N PRO B 110 -22.38 12.35 8.37
CA PRO B 110 -22.14 11.03 7.81
C PRO B 110 -22.07 11.08 6.30
N PRO B 111 -21.35 10.14 5.67
CA PRO B 111 -21.27 10.11 4.21
C PRO B 111 -22.64 9.91 3.56
N ARG B 112 -22.82 10.55 2.40
CA ARG B 112 -24.05 10.48 1.62
C ARG B 112 -23.85 9.66 0.36
N VAL B 113 -24.96 9.31 -0.29
CA VAL B 113 -24.98 8.49 -1.50
C VAL B 113 -24.24 7.18 -1.26
N ILE B 114 -24.54 6.50 -0.16
CA ILE B 114 -23.94 5.21 0.11
C ILE B 114 -24.48 4.19 -0.90
N LYS B 115 -23.57 3.50 -1.59
CA LYS B 115 -23.93 2.41 -2.48
C LYS B 115 -23.13 1.18 -2.09
N ALA B 116 -23.76 0.01 -2.13
CA ALA B 116 -23.10 -1.20 -1.71
C ALA B 116 -23.63 -2.39 -2.48
N ARG B 117 -22.78 -3.40 -2.65
CA ARG B 117 -23.10 -4.56 -3.47
C ARG B 117 -22.26 -5.75 -3.00
N GLY B 118 -22.67 -6.93 -3.44
CA GLY B 118 -21.91 -8.14 -3.19
C GLY B 118 -20.52 -8.08 -3.79
N GLY B 119 -19.51 -8.44 -3.02
CA GLY B 119 -18.13 -8.30 -3.44
C GLY B 119 -17.64 -9.43 -4.33
N SER B 120 -16.33 -9.66 -4.27
CA SER B 120 -15.71 -10.67 -5.13
C SER B 120 -15.97 -12.10 -4.66
N GLN B 121 -16.34 -12.28 -3.40
CA GLN B 121 -16.48 -13.61 -2.81
C GLN B 121 -17.77 -13.65 -2.01
N PRO B 122 -18.31 -14.85 -1.79
CA PRO B 122 -19.52 -14.95 -0.96
C PRO B 122 -19.27 -14.51 0.47
N GLY B 123 -19.88 -13.39 0.86
CA GLY B 123 -19.65 -12.78 2.15
C GLY B 123 -18.89 -11.46 2.09
N GLU B 124 -18.32 -11.11 0.95
CA GLU B 124 -17.71 -9.80 0.79
C GLU B 124 -18.79 -8.75 0.56
N LEU B 125 -18.60 -7.57 1.15
CA LEU B 125 -19.55 -6.46 1.02
C LEU B 125 -18.79 -5.21 0.63
N GLN B 126 -18.83 -4.87 -0.66
CA GLN B 126 -18.21 -3.64 -1.14
C GLN B 126 -19.08 -2.44 -0.79
N ILE B 127 -18.50 -1.46 -0.10
CA ILE B 127 -19.17 -0.20 0.21
C ILE B 127 -18.51 0.90 -0.61
N HIS B 128 -19.32 1.77 -1.21
CA HIS B 128 -18.83 2.98 -1.85
C HIS B 128 -19.65 4.16 -1.36
N TRP B 129 -18.97 5.21 -0.88
CA TRP B 129 -19.66 6.35 -0.29
C TRP B 129 -19.05 7.66 -0.79
N GLU B 130 -19.86 8.71 -0.81
CA GLU B 130 -19.42 10.05 -1.12
C GLU B 130 -19.41 10.89 0.16
N ALA B 131 -18.29 11.57 0.42
CA ALA B 131 -18.13 12.29 1.68
C ALA B 131 -18.63 13.72 1.54
N PRO B 132 -19.58 14.15 2.37
CA PRO B 132 -19.89 15.58 2.44
C PRO B 132 -18.74 16.34 3.09
N ALA B 133 -18.67 17.63 2.81
CA ALA B 133 -17.55 18.47 3.21
C ALA B 133 -16.23 17.87 2.72
N PRO B 134 -16.01 17.84 1.39
CA PRO B 134 -14.83 17.14 0.85
C PRO B 134 -13.50 17.69 1.34
N GLU B 135 -13.43 18.96 1.70
CA GLU B 135 -12.15 19.55 2.03
C GLU B 135 -11.59 19.03 3.35
N ILE B 136 -12.44 18.47 4.22
CA ILE B 136 -11.98 17.96 5.51
C ILE B 136 -11.91 16.44 5.55
N SER B 137 -12.27 15.76 4.47
CA SER B 137 -12.33 14.29 4.49
C SER B 137 -10.97 13.64 4.72
N ASP B 138 -9.87 14.40 4.56
CA ASP B 138 -8.55 13.85 4.83
C ASP B 138 -8.33 13.52 6.30
N PHE B 139 -9.14 14.08 7.20
CA PHE B 139 -8.85 14.05 8.63
C PHE B 139 -9.87 13.24 9.43
N LEU B 140 -10.54 12.28 8.81
CA LEU B 140 -11.67 11.60 9.44
C LEU B 140 -11.42 10.11 9.63
N ARG B 141 -11.92 9.58 10.75
CA ARG B 141 -12.15 8.15 10.90
C ARG B 141 -13.56 7.80 10.40
N HIS B 142 -13.81 6.51 10.24
CA HIS B 142 -15.12 6.03 9.85
C HIS B 142 -15.49 4.79 10.65
N GLU B 143 -16.79 4.62 10.92
CA GLU B 143 -17.31 3.48 11.64
C GLU B 143 -18.54 2.92 10.93
N LEU B 144 -18.67 1.60 10.94
CA LEU B 144 -19.77 0.90 10.30
C LEU B 144 -20.54 0.04 11.28
N ARG B 145 -21.87 0.06 11.17
CA ARG B 145 -22.75 -0.93 11.75
C ARG B 145 -23.26 -1.86 10.67
N TYR B 146 -23.64 -3.08 11.08
CA TYR B 146 -24.45 -3.93 10.22
C TYR B 146 -25.12 -5.01 11.06
N GLY B 147 -26.31 -5.41 10.62
CA GLY B 147 -27.06 -6.46 11.25
C GLY B 147 -28.16 -6.98 10.34
N PRO B 148 -28.49 -8.27 10.47
CA PRO B 148 -29.52 -8.85 9.60
C PRO B 148 -30.89 -8.21 9.84
N THR B 149 -31.71 -8.26 8.79
CA THR B 149 -33.07 -7.73 8.89
C THR B 149 -33.94 -8.57 9.81
N ASP B 150 -33.63 -9.86 9.97
CA ASP B 150 -34.45 -10.79 10.73
C ASP B 150 -34.03 -10.91 12.19
N SER B 151 -33.41 -9.87 12.76
CA SER B 151 -32.91 -9.91 14.13
C SER B 151 -33.28 -8.64 14.89
N SER B 152 -34.58 -8.28 14.85
CA SER B 152 -35.03 -7.08 15.54
C SER B 152 -34.80 -7.16 17.05
N ASN B 153 -34.83 -8.37 17.62
CA ASN B 153 -34.65 -8.54 19.06
C ASN B 153 -33.20 -8.31 19.50
N ALA B 154 -32.25 -8.42 18.58
CA ALA B 154 -30.84 -8.54 18.92
C ALA B 154 -30.23 -7.16 19.15
N THR B 155 -29.60 -6.98 20.32
CA THR B 155 -28.75 -5.82 20.58
C THR B 155 -27.34 -6.13 20.08
N ALA B 156 -27.20 -6.13 18.75
CA ALA B 156 -25.95 -6.52 18.10
C ALA B 156 -25.71 -5.65 16.86
N PRO B 157 -25.29 -4.40 17.05
CA PRO B 157 -24.83 -3.60 15.90
C PRO B 157 -23.52 -4.11 15.28
N SER B 158 -22.66 -4.77 16.06
CA SER B 158 -21.36 -5.26 15.58
C SER B 158 -20.53 -4.13 14.95
N VAL B 159 -20.43 -3.01 15.66
CA VAL B 159 -19.66 -1.86 15.17
C VAL B 159 -18.23 -2.27 14.82
N ILE B 160 -17.75 -1.80 13.68
CA ILE B 160 -16.38 -2.04 13.22
C ILE B 160 -15.80 -0.73 12.70
N GLN B 161 -14.51 -0.53 12.93
CA GLN B 161 -13.82 0.68 12.48
C GLN B 161 -13.07 0.42 11.18
N LEU B 162 -13.11 1.40 10.29
CA LEU B 162 -12.46 1.30 8.99
C LEU B 162 -11.15 2.08 8.99
N LEU B 163 -10.11 1.47 8.42
CA LEU B 163 -8.79 2.10 8.34
C LEU B 163 -8.08 1.57 7.11
N SER B 164 -7.07 2.32 6.66
CA SER B 164 -6.44 2.06 5.38
C SER B 164 -5.68 0.74 5.40
N THR B 165 -5.94 -0.09 4.39
CA THR B 165 -5.20 -1.31 4.16
C THR B 165 -5.04 -1.48 2.65
N GLU B 166 -4.34 -2.55 2.25
CA GLU B 166 -4.24 -2.86 0.84
C GLU B 166 -5.60 -3.12 0.20
N THR B 167 -6.61 -3.48 0.98
CA THR B 167 -7.94 -3.72 0.46
C THR B 167 -8.97 -2.72 0.93
N CYS B 168 -8.57 -1.70 1.68
CA CYS B 168 -9.50 -0.69 2.17
C CYS B 168 -8.94 0.69 1.90
N CYS B 169 -9.77 1.57 1.34
CA CYS B 169 -9.38 2.93 0.96
C CYS B 169 -10.37 3.90 1.59
N PRO B 170 -10.05 4.42 2.78
CA PRO B 170 -10.97 5.38 3.42
C PRO B 170 -11.26 6.61 2.59
N THR B 171 -10.33 7.05 1.75
CA THR B 171 -10.53 8.24 0.93
C THR B 171 -9.88 8.05 -0.43
N LEU B 172 -10.62 8.42 -1.47
CA LEU B 172 -10.15 8.36 -2.85
C LEU B 172 -10.82 9.46 -3.65
N TRP B 173 -10.09 10.01 -4.62
CA TRP B 173 -10.69 10.96 -5.56
C TRP B 173 -11.40 10.20 -6.67
N MET B 174 -12.48 9.51 -6.30
CA MET B 174 -13.17 8.54 -7.17
C MET B 174 -13.34 9.08 -8.59
N PRO B 175 -13.12 8.24 -9.62
CA PRO B 175 -12.71 8.75 -10.93
C PRO B 175 -13.64 9.75 -11.60
N ASN B 176 -14.86 9.34 -11.94
CA ASN B 176 -15.55 10.11 -12.97
C ASN B 176 -17.02 10.38 -12.68
N PRO B 177 -17.47 11.63 -12.79
CA PRO B 177 -18.91 11.90 -12.72
C PRO B 177 -19.70 11.22 -13.83
N VAL B 178 -19.12 11.06 -15.00
CA VAL B 178 -19.80 10.42 -16.13
C VAL B 178 -18.91 9.29 -16.63
N PRO B 179 -18.87 8.16 -15.94
CA PRO B 179 -17.96 7.07 -16.31
C PRO B 179 -18.48 6.26 -17.48
N VAL B 180 -17.59 5.42 -18.00
CA VAL B 180 -17.93 4.40 -19.00
C VAL B 180 -17.37 3.08 -18.50
N LEU B 181 -18.13 2.00 -18.73
CA LEU B 181 -17.79 0.70 -18.15
C LEU B 181 -16.49 0.13 -18.71
N ASP B 182 -15.98 0.66 -19.82
CA ASP B 182 -14.74 0.14 -20.40
C ASP B 182 -13.52 0.43 -19.53
N GLN B 183 -13.66 1.29 -18.52
CA GLN B 183 -12.54 1.68 -17.68
C GLN B 183 -11.97 0.47 -16.96
N PRO B 184 -10.64 0.33 -16.90
CA PRO B 184 -10.03 -0.79 -16.15
C PRO B 184 -10.36 -0.70 -14.67
N PRO B 185 -10.33 -1.83 -13.97
CA PRO B 185 -10.66 -1.83 -12.54
C PRO B 185 -9.68 -1.00 -11.71
N CYS B 186 -10.18 -0.49 -10.58
CA CYS B 186 -9.36 0.14 -9.55
C CYS B 186 -8.63 1.40 -10.03
N VAL B 187 -9.13 2.03 -11.10
CA VAL B 187 -8.53 3.26 -11.58
C VAL B 187 -8.99 4.43 -10.71
N HIS B 188 -8.03 5.23 -10.27
CA HIS B 188 -8.34 6.49 -9.59
C HIS B 188 -7.23 7.47 -9.88
N PRO B 189 -7.51 8.78 -9.83
CA PRO B 189 -6.53 9.77 -10.29
C PRO B 189 -5.20 9.77 -9.57
N THR B 190 -5.05 9.02 -8.47
CA THR B 190 -3.79 8.82 -7.71
C THR B 190 -3.11 10.18 -7.50
N ALA B 191 -1.81 10.32 -7.73
CA ALA B 191 -1.09 11.56 -7.48
C ALA B 191 -1.65 12.73 -8.30
N SER B 192 -2.19 12.45 -9.48
CA SER B 192 -2.80 13.48 -10.33
C SER B 192 -4.21 13.83 -9.83
N GLN B 193 -4.26 14.35 -8.61
CA GLN B 193 -5.53 14.71 -8.01
C GLN B 193 -6.23 15.79 -8.84
N PRO B 194 -7.55 15.73 -8.97
CA PRO B 194 -8.28 16.73 -9.78
C PRO B 194 -8.00 18.15 -9.35
N HIS B 195 -7.49 18.97 -10.27
CA HIS B 195 -7.21 20.38 -10.00
C HIS B 195 -8.46 21.24 -10.24
N GLY B 196 -9.49 20.95 -9.46
CA GLY B 196 -10.73 21.70 -9.51
C GLY B 196 -11.53 21.46 -10.77
N PRO B 197 -12.45 22.37 -11.10
CA PRO B 197 -13.35 22.16 -12.22
C PRO B 197 -12.69 22.13 -13.59
N ALA B 198 -11.36 22.36 -13.67
CA ALA B 198 -10.70 22.24 -14.97
C ALA B 198 -10.70 20.79 -15.45
N PRO B 199 -10.19 19.80 -14.69
CA PRO B 199 -10.64 18.42 -14.90
C PRO B 199 -12.00 18.21 -14.24
N PHE B 200 -12.50 16.97 -14.24
CA PHE B 200 -13.74 16.66 -13.56
C PHE B 200 -13.60 16.91 -12.06
N LEU B 201 -14.38 17.85 -11.53
CA LEU B 201 -14.51 18.00 -10.09
C LEU B 201 -15.38 16.85 -9.58
N THR B 202 -14.79 15.94 -8.81
CA THR B 202 -15.41 14.66 -8.52
C THR B 202 -15.53 14.44 -7.01
N VAL B 203 -16.31 13.42 -6.66
CA VAL B 203 -16.95 13.30 -5.36
C VAL B 203 -16.00 13.22 -4.17
N LYS B 204 -14.72 12.94 -4.38
CA LYS B 204 -13.76 12.81 -3.28
C LYS B 204 -14.26 11.81 -2.23
N GLY B 205 -14.78 10.67 -2.71
CA GLY B 205 -15.38 9.67 -1.84
C GLY B 205 -14.41 8.66 -1.27
N GLY B 206 -14.94 7.49 -0.95
CA GLY B 206 -14.12 6.37 -0.48
C GLY B 206 -14.88 5.06 -0.57
N SER B 207 -14.18 3.96 -0.80
CA SER B 207 -14.83 2.67 -1.00
C SER B 207 -13.92 1.54 -0.56
N CYS B 208 -14.50 0.51 0.06
CA CYS B 208 -13.70 -0.59 0.58
C CYS B 208 -14.62 -1.72 1.04
N LEU B 209 -14.04 -2.92 1.15
CA LEU B 209 -14.80 -4.16 1.36
C LEU B 209 -14.84 -4.55 2.83
N VAL B 210 -16.06 -4.71 3.37
CA VAL B 210 -16.23 -5.43 4.64
C VAL B 210 -16.23 -6.93 4.36
N SER B 211 -15.63 -7.70 5.27
CA SER B 211 -15.48 -9.13 5.07
C SER B 211 -16.04 -9.89 6.25
N GLY B 212 -16.24 -11.19 6.05
CA GLY B 212 -16.65 -12.09 7.10
C GLY B 212 -18.13 -12.18 7.38
N LEU B 213 -18.97 -11.53 6.57
CA LEU B 213 -20.41 -11.68 6.73
C LEU B 213 -20.86 -13.05 6.24
N GLN B 214 -21.95 -13.56 6.84
CA GLN B 214 -22.56 -14.77 6.33
C GLN B 214 -23.40 -14.44 5.10
N ALA B 215 -23.28 -15.26 4.07
CA ALA B 215 -23.80 -14.92 2.76
C ALA B 215 -25.29 -15.28 2.64
N GLY B 216 -25.90 -14.77 1.57
CA GLY B 216 -27.23 -15.19 1.17
C GLY B 216 -28.40 -14.57 1.90
N LYS B 217 -28.23 -13.41 2.52
CA LYS B 217 -29.34 -12.77 3.20
C LYS B 217 -29.09 -11.27 3.30
N SER B 218 -30.16 -10.54 3.63
CA SER B 218 -30.12 -9.08 3.61
C SER B 218 -29.51 -8.51 4.88
N TYR B 219 -28.83 -7.37 4.74
CA TYR B 219 -28.25 -6.63 5.84
C TYR B 219 -28.68 -5.17 5.75
N TRP B 220 -28.85 -4.52 6.89
CA TRP B 220 -28.93 -3.07 6.93
C TRP B 220 -27.58 -2.50 7.38
N LEU B 221 -27.26 -1.31 6.87
CA LEU B 221 -25.94 -0.73 7.01
C LEU B 221 -26.05 0.72 7.48
N GLN B 222 -25.12 1.13 8.35
CA GLN B 222 -25.03 2.50 8.81
C GLN B 222 -23.58 2.93 8.93
N LEU B 223 -23.33 4.22 8.68
CA LEU B 223 -21.99 4.77 8.62
C LEU B 223 -21.93 6.10 9.36
N ARG B 224 -20.83 6.33 10.08
CA ARG B 224 -20.61 7.60 10.76
C ARG B 224 -19.12 7.89 10.82
N SER B 225 -18.76 9.07 11.33
CA SER B 225 -17.37 9.52 11.31
C SER B 225 -17.04 10.31 12.55
N GLN B 226 -15.73 10.36 12.85
CA GLN B 226 -15.12 11.23 13.86
C GLN B 226 -13.81 11.77 13.33
N PRO B 227 -13.50 13.05 13.56
CA PRO B 227 -12.16 13.54 13.25
C PRO B 227 -11.12 12.74 14.00
N ASP B 228 -10.00 12.44 13.33
CA ASP B 228 -9.03 11.52 13.90
C ASP B 228 -8.30 12.10 15.10
N GLY B 229 -8.41 13.40 15.35
CA GLY B 229 -7.83 14.00 16.52
C GLY B 229 -6.38 14.40 16.42
N VAL B 230 -5.74 14.21 15.27
CA VAL B 230 -4.34 14.60 15.14
C VAL B 230 -4.20 16.11 15.18
N SER B 231 -4.97 16.83 14.37
CA SER B 231 -4.97 18.29 14.39
C SER B 231 -6.39 18.84 14.50
N LEU B 232 -7.36 18.08 14.00
CA LEU B 232 -8.77 18.41 14.13
C LEU B 232 -9.41 17.39 15.06
N ARG B 233 -9.98 17.87 16.17
CA ARG B 233 -10.50 17.00 17.21
C ARG B 233 -11.99 17.24 17.37
N GLY B 234 -12.70 16.18 17.76
CA GLY B 234 -14.14 16.27 17.89
C GLY B 234 -14.71 14.93 18.28
N SER B 235 -16.04 14.89 18.35
CA SER B 235 -16.77 13.70 18.75
C SER B 235 -17.38 13.01 17.54
N TRP B 236 -17.93 11.82 17.77
CA TRP B 236 -18.58 11.06 16.71
C TRP B 236 -19.82 11.81 16.22
N GLY B 237 -20.00 11.84 14.90
CA GLY B 237 -21.20 12.38 14.32
C GLY B 237 -22.33 11.39 14.29
N PRO B 238 -23.50 11.86 13.85
CA PRO B 238 -24.67 10.98 13.76
C PRO B 238 -24.52 9.97 12.64
N TRP B 239 -25.29 8.89 12.75
CA TRP B 239 -25.31 7.85 11.72
C TRP B 239 -26.05 8.33 10.48
N SER B 240 -25.69 7.76 9.33
CA SER B 240 -26.47 7.94 8.12
C SER B 240 -27.74 7.09 8.18
N PHE B 241 -28.69 7.42 7.30
CA PHE B 241 -29.92 6.67 7.23
C PHE B 241 -29.64 5.25 6.71
N PRO B 242 -30.33 4.25 7.24
CA PRO B 242 -30.04 2.86 6.87
C PRO B 242 -30.26 2.59 5.39
N VAL B 243 -29.39 1.74 4.82
CA VAL B 243 -29.54 1.20 3.48
C VAL B 243 -29.36 -0.30 3.55
N THR B 244 -30.09 -1.02 2.70
CA THR B 244 -30.14 -2.48 2.72
C THR B 244 -29.46 -3.06 1.50
N VAL B 245 -28.65 -4.10 1.71
CA VAL B 245 -27.94 -4.80 0.65
C VAL B 245 -28.24 -6.28 0.76
N ASP B 246 -28.55 -6.91 -0.37
CA ASP B 246 -28.83 -8.34 -0.43
C ASP B 246 -27.59 -9.07 -0.94
N LEU B 247 -26.92 -9.80 -0.04
CA LEU B 247 -25.72 -10.52 -0.44
C LEU B 247 -26.09 -11.78 -1.23
N PRO B 248 -25.24 -12.19 -2.17
CA PRO B 248 -25.44 -13.47 -2.85
C PRO B 248 -25.09 -14.63 -1.93
N GLY B 249 -25.73 -15.76 -2.19
CA GLY B 249 -25.47 -16.95 -1.41
C GLY B 249 -24.24 -17.70 -1.91
N ASP B 250 -23.66 -18.49 -1.01
CA ASP B 250 -22.52 -19.32 -1.39
C ASP B 250 -22.99 -20.41 -2.35
N ALA B 251 -22.29 -20.55 -3.47
CA ALA B 251 -22.69 -21.51 -4.50
C ALA B 251 -22.60 -22.94 -4.03
N VAL B 252 -21.94 -23.20 -2.89
CA VAL B 252 -21.89 -24.56 -2.34
C VAL B 252 -23.30 -25.08 -2.08
N THR B 253 -24.26 -24.18 -1.85
CA THR B 253 -25.64 -24.58 -1.60
C THR B 253 -26.33 -25.16 -2.83
N ILE B 254 -25.74 -25.01 -4.02
CA ILE B 254 -26.28 -25.63 -5.22
C ILE B 254 -25.31 -26.65 -5.81
N GLY B 255 -24.26 -27.00 -5.08
CA GLY B 255 -23.30 -27.98 -5.57
C GLY B 255 -22.51 -27.54 -6.79
N LEU B 256 -22.20 -26.26 -6.88
CA LEU B 256 -21.40 -25.77 -8.01
C LEU B 256 -20.02 -26.42 -8.02
N GLN B 257 -19.67 -27.02 -9.13
CA GLN B 257 -18.31 -27.51 -9.36
C GLN B 257 -17.84 -27.00 -10.71
N CYS B 258 -16.58 -26.58 -10.78
CA CYS B 258 -15.99 -26.07 -12.01
C CYS B 258 -14.57 -26.59 -12.12
N PHE B 259 -14.14 -26.82 -13.36
CA PHE B 259 -12.82 -27.37 -13.59
C PHE B 259 -12.46 -27.24 -15.06
N THR B 260 -11.17 -27.40 -15.34
CA THR B 260 -10.65 -27.52 -16.70
C THR B 260 -9.91 -28.85 -16.84
N LEU B 261 -10.08 -29.50 -17.99
CA LEU B 261 -9.32 -30.70 -18.31
C LEU B 261 -8.12 -30.43 -19.21
N ASP B 262 -8.01 -29.24 -19.78
CA ASP B 262 -7.00 -29.01 -20.81
C ASP B 262 -6.28 -27.68 -20.67
N LEU B 263 -6.47 -26.93 -19.58
CA LEU B 263 -5.86 -25.62 -19.34
C LEU B 263 -6.33 -24.57 -20.33
N LYS B 264 -7.36 -24.86 -21.12
CA LYS B 264 -7.91 -23.87 -22.05
C LYS B 264 -9.43 -23.79 -22.05
N MET B 265 -10.15 -24.77 -21.52
CA MET B 265 -11.60 -24.75 -21.49
C MET B 265 -12.07 -25.25 -20.14
N VAL B 266 -12.97 -24.50 -19.49
CA VAL B 266 -13.44 -24.80 -18.15
C VAL B 266 -14.90 -25.26 -18.23
N THR B 267 -15.19 -26.37 -17.57
CA THR B 267 -16.54 -26.90 -17.50
C THR B 267 -17.11 -26.70 -16.10
N CYS B 268 -18.35 -26.21 -16.04
CA CYS B 268 -19.05 -25.99 -14.77
C CYS B 268 -20.35 -26.77 -14.75
N GLN B 269 -20.75 -27.18 -13.55
CA GLN B 269 -21.99 -27.92 -13.35
C GLN B 269 -22.61 -27.55 -12.01
N TRP B 270 -23.95 -27.53 -11.97
CA TRP B 270 -24.68 -27.28 -10.74
C TRP B 270 -26.07 -27.90 -10.86
N GLN B 271 -26.67 -28.17 -9.70
CA GLN B 271 -27.96 -28.84 -9.66
C GLN B 271 -29.09 -27.88 -9.99
N GLN B 272 -30.29 -28.44 -10.12
CA GLN B 272 -31.49 -27.65 -10.43
C GLN B 272 -32.65 -28.15 -9.58
N GLN B 273 -33.68 -27.32 -9.47
CA GLN B 273 -34.87 -27.63 -8.70
C GLN B 273 -36.09 -27.65 -9.62
N ASP B 274 -37.12 -28.37 -9.20
CA ASP B 274 -38.37 -28.40 -9.95
C ASP B 274 -38.94 -26.99 -10.09
N ARG B 275 -39.51 -26.73 -11.28
CA ARG B 275 -40.10 -25.42 -11.60
C ARG B 275 -39.06 -24.29 -11.51
N THR B 276 -37.82 -24.58 -11.87
CA THR B 276 -36.75 -23.59 -11.84
C THR B 276 -35.90 -23.74 -13.10
N SER B 277 -35.18 -22.66 -13.42
CA SER B 277 -34.19 -22.67 -14.49
C SER B 277 -33.01 -21.80 -14.06
N SER B 278 -31.90 -21.92 -14.79
CA SER B 278 -30.67 -21.29 -14.35
C SER B 278 -29.81 -20.92 -15.55
N GLN B 279 -28.86 -20.01 -15.30
CA GLN B 279 -27.88 -19.56 -16.29
C GLN B 279 -26.56 -19.29 -15.58
N GLY B 280 -25.47 -19.28 -16.35
CA GLY B 280 -24.13 -19.18 -15.79
C GLY B 280 -23.37 -17.97 -16.30
N PHE B 281 -22.37 -17.55 -15.52
CA PHE B 281 -21.59 -16.36 -15.81
C PHE B 281 -20.16 -16.57 -15.33
N PHE B 282 -19.23 -15.76 -15.85
CA PHE B 282 -17.84 -15.82 -15.42
C PHE B 282 -17.16 -14.47 -15.63
N ARG B 283 -16.00 -14.32 -14.99
CA ARG B 283 -15.20 -13.11 -15.10
C ARG B 283 -13.77 -13.43 -14.69
N HIS B 284 -12.86 -12.48 -14.95
CA HIS B 284 -11.48 -12.57 -14.52
C HIS B 284 -11.03 -11.23 -13.98
N SER B 285 -10.12 -11.25 -13.00
CA SER B 285 -9.53 -10.04 -12.45
C SER B 285 -8.16 -10.35 -11.91
N ARG B 286 -7.26 -9.36 -12.00
CA ARG B 286 -5.85 -9.60 -11.70
C ARG B 286 -5.56 -9.60 -10.20
N THR B 287 -5.99 -8.55 -9.49
CA THR B 287 -5.54 -8.33 -8.12
C THR B 287 -6.69 -7.75 -7.29
N ARG B 288 -6.59 -7.96 -5.97
CA ARG B 288 -7.49 -7.30 -5.04
C ARG B 288 -7.11 -5.83 -4.89
N CYS B 289 -8.10 -4.95 -5.04
CA CYS B 289 -7.90 -3.52 -4.84
C CYS B 289 -9.27 -2.87 -4.70
N CYS B 290 -9.26 -1.63 -4.22
CA CYS B 290 -10.51 -0.92 -3.97
C CYS B 290 -11.32 -0.79 -5.26
N PRO B 291 -12.53 -1.34 -5.32
CA PRO B 291 -13.26 -1.40 -6.58
C PRO B 291 -13.76 -0.03 -7.03
N THR B 292 -13.99 0.09 -8.34
CA THR B 292 -14.65 1.25 -8.90
C THR B 292 -16.15 1.16 -8.66
N ASP B 293 -16.84 2.25 -9.01
CA ASP B 293 -18.27 2.34 -8.75
C ASP B 293 -19.08 1.40 -9.65
N ARG B 294 -18.55 1.06 -10.82
CA ARG B 294 -19.30 0.24 -11.77
C ARG B 294 -19.53 -1.17 -11.24
N ASP B 295 -20.71 -1.71 -11.53
CA ASP B 295 -21.01 -3.09 -11.18
C ASP B 295 -20.06 -4.03 -11.93
N PRO B 296 -19.73 -5.17 -11.34
CA PRO B 296 -18.79 -6.11 -11.98
C PRO B 296 -19.31 -6.59 -13.33
N THR B 297 -18.39 -6.70 -14.28
CA THR B 297 -18.74 -7.26 -15.59
C THR B 297 -18.78 -8.78 -15.54
N TRP B 298 -19.67 -9.36 -16.34
CA TRP B 298 -19.81 -10.80 -16.44
C TRP B 298 -20.04 -11.19 -17.88
N GLU B 299 -19.68 -12.43 -18.22
CA GLU B 299 -19.87 -12.97 -19.56
C GLU B 299 -20.61 -14.29 -19.47
N LYS B 300 -21.50 -14.52 -20.43
CA LYS B 300 -22.35 -15.70 -20.42
C LYS B 300 -21.54 -16.97 -20.64
N CYS B 301 -21.97 -18.04 -20.00
CA CYS B 301 -21.43 -19.37 -20.27
C CYS B 301 -22.29 -20.08 -21.32
N GLU B 302 -21.68 -21.01 -22.05
CA GLU B 302 -22.33 -21.69 -23.17
C GLU B 302 -22.64 -23.15 -22.82
N GLU B 303 -23.85 -23.59 -23.17
CA GLU B 303 -24.35 -24.88 -22.74
C GLU B 303 -23.56 -26.03 -23.38
N GLU B 304 -23.53 -27.16 -22.66
CA GLU B 304 -22.82 -28.34 -23.11
C GLU B 304 -23.60 -29.11 -24.17
N GLU B 305 -24.92 -29.08 -24.11
CA GLU B 305 -25.77 -30.07 -24.77
C GLU B 305 -25.51 -30.16 -26.27
N PRO B 306 -25.17 -31.35 -26.78
CA PRO B 306 -25.24 -31.59 -28.22
C PRO B 306 -26.62 -32.08 -28.62
N ARG B 307 -27.60 -31.88 -27.74
CA ARG B 307 -28.89 -32.57 -27.78
C ARG B 307 -28.68 -34.09 -27.66
N PRO B 308 -28.22 -34.57 -26.50
CA PRO B 308 -27.86 -35.99 -26.39
C PRO B 308 -29.03 -36.92 -26.11
N GLY B 309 -30.09 -36.45 -25.46
CA GLY B 309 -31.17 -37.32 -25.06
C GLY B 309 -30.90 -38.15 -23.82
N SER B 310 -29.69 -38.07 -23.25
CA SER B 310 -29.40 -38.84 -22.04
C SER B 310 -30.29 -38.40 -20.90
N GLN B 311 -30.65 -37.13 -20.85
CA GLN B 311 -31.58 -36.58 -19.86
C GLN B 311 -31.13 -36.83 -18.41
N PRO B 312 -29.95 -36.33 -18.01
CA PRO B 312 -29.65 -36.26 -16.56
C PRO B 312 -30.27 -35.01 -15.96
N ALA B 313 -31.60 -35.03 -15.81
CA ALA B 313 -32.38 -33.82 -15.57
C ALA B 313 -32.03 -33.10 -14.28
N LEU B 314 -31.17 -33.66 -13.43
CA LEU B 314 -30.89 -33.04 -12.14
C LEU B 314 -29.83 -31.93 -12.20
N VAL B 315 -29.06 -31.84 -13.28
CA VAL B 315 -27.87 -31.02 -13.29
C VAL B 315 -27.81 -30.21 -14.58
N SER B 316 -27.33 -28.98 -14.47
CA SER B 316 -26.95 -28.17 -15.63
C SER B 316 -25.43 -28.16 -15.76
N ARG B 317 -24.94 -28.29 -16.99
CA ARG B 317 -23.51 -28.35 -17.26
C ARG B 317 -23.18 -27.33 -18.34
N CYS B 318 -22.03 -26.66 -18.19
CA CYS B 318 -21.72 -25.49 -19.00
C CYS B 318 -20.21 -25.36 -19.14
N HIS B 319 -19.78 -24.58 -20.13
CA HIS B 319 -18.36 -24.49 -20.46
C HIS B 319 -18.02 -23.10 -21.01
N PHE B 320 -16.76 -22.69 -20.79
CA PHE B 320 -16.24 -21.45 -21.35
C PHE B 320 -14.72 -21.53 -21.43
N LYS B 321 -14.15 -20.86 -22.44
CA LYS B 321 -12.70 -20.86 -22.63
C LYS B 321 -12.02 -20.01 -21.56
N SER B 322 -10.85 -20.46 -21.11
CA SER B 322 -10.18 -19.90 -19.95
C SER B 322 -8.91 -19.15 -20.33
N ARG B 323 -8.23 -18.62 -19.31
CA ARG B 323 -6.92 -17.99 -19.41
C ARG B 323 -6.23 -18.19 -18.08
N ASN B 324 -4.89 -18.11 -18.09
CA ASN B 324 -4.10 -18.41 -16.90
C ASN B 324 -3.31 -17.22 -16.36
N ASP B 325 -3.74 -15.99 -16.68
CA ASP B 325 -3.04 -14.83 -16.13
C ASP B 325 -3.52 -14.42 -14.75
N SER B 326 -4.67 -14.92 -14.28
CA SER B 326 -5.22 -14.45 -13.02
C SER B 326 -6.20 -15.47 -12.43
N VAL B 327 -6.60 -15.20 -11.19
CA VAL B 327 -7.68 -15.94 -10.55
C VAL B 327 -9.00 -15.70 -11.31
N ILE B 328 -9.90 -16.67 -11.23
CA ILE B 328 -11.16 -16.67 -11.95
C ILE B 328 -12.31 -16.61 -10.94
N HIS B 329 -13.34 -15.85 -11.29
CA HIS B 329 -14.57 -15.79 -10.53
C HIS B 329 -15.70 -16.34 -11.39
N ILE B 330 -16.74 -16.86 -10.73
CA ILE B 330 -17.87 -17.47 -11.41
C ILE B 330 -19.15 -17.08 -10.68
N LEU B 331 -20.26 -17.07 -11.42
CA LEU B 331 -21.56 -16.71 -10.85
C LEU B 331 -22.65 -17.53 -11.53
N VAL B 332 -23.69 -17.85 -10.75
CA VAL B 332 -24.84 -18.62 -11.23
C VAL B 332 -26.10 -17.96 -10.70
N GLU B 333 -27.12 -17.86 -11.56
CA GLU B 333 -28.42 -17.30 -11.19
C GLU B 333 -29.51 -18.31 -11.52
N VAL B 334 -30.50 -18.41 -10.64
CA VAL B 334 -31.62 -19.33 -10.79
C VAL B 334 -32.91 -18.54 -10.89
N THR B 335 -33.81 -18.97 -11.77
CA THR B 335 -35.09 -18.30 -12.00
C THR B 335 -36.23 -19.22 -11.59
N THR B 336 -37.18 -18.66 -10.83
CA THR B 336 -38.33 -19.41 -10.35
C THR B 336 -39.45 -19.38 -11.38
N ALA B 337 -40.42 -20.30 -11.20
CA ALA B 337 -41.61 -20.31 -12.04
C ALA B 337 -42.41 -19.03 -11.89
N GLN B 338 -42.40 -18.43 -10.71
CA GLN B 338 -43.10 -17.17 -10.47
C GLN B 338 -42.26 -15.95 -10.87
N GLY B 339 -41.18 -16.16 -11.62
CA GLY B 339 -40.40 -15.08 -12.18
C GLY B 339 -39.32 -14.52 -11.29
N ALA B 340 -39.35 -14.79 -9.99
CA ALA B 340 -38.32 -14.30 -9.09
C ALA B 340 -36.96 -14.91 -9.45
N VAL B 341 -35.90 -14.20 -9.10
CA VAL B 341 -34.54 -14.62 -9.41
C VAL B 341 -33.70 -14.54 -8.14
N HIS B 342 -32.67 -15.38 -8.09
CA HIS B 342 -31.71 -15.39 -6.99
C HIS B 342 -30.32 -15.52 -7.56
N SER B 343 -29.32 -15.16 -6.74
CA SER B 343 -27.93 -15.14 -7.15
C SER B 343 -27.09 -16.00 -6.22
N TYR B 344 -26.16 -16.75 -6.80
CA TYR B 344 -25.19 -17.53 -6.03
C TYR B 344 -23.79 -17.24 -6.57
N LEU B 345 -22.84 -17.08 -5.65
CA LEU B 345 -21.47 -16.71 -6.01
C LEU B 345 -20.53 -17.85 -5.67
N GLY B 346 -19.70 -18.23 -6.64
CA GLY B 346 -18.76 -19.33 -6.44
C GLY B 346 -17.45 -18.87 -5.83
N SER B 347 -16.80 -19.79 -5.14
CA SER B 347 -15.50 -19.51 -4.55
C SER B 347 -14.46 -19.28 -5.65
N PRO B 348 -13.63 -18.26 -5.54
CA PRO B 348 -12.62 -18.02 -6.58
C PRO B 348 -11.50 -19.06 -6.51
N PHE B 349 -10.82 -19.23 -7.65
CA PHE B 349 -9.70 -20.15 -7.73
C PHE B 349 -8.73 -19.69 -8.81
N TRP B 350 -7.49 -20.13 -8.67
CA TRP B 350 -6.56 -20.10 -9.79
C TRP B 350 -6.94 -21.19 -10.77
N ILE B 351 -6.55 -21.01 -12.04
CA ILE B 351 -6.87 -22.03 -13.04
C ILE B 351 -6.16 -23.34 -12.72
N HIS B 352 -4.93 -23.27 -12.22
CA HIS B 352 -4.19 -24.48 -11.89
C HIS B 352 -4.70 -25.16 -10.63
N GLN B 353 -5.48 -24.46 -9.80
CA GLN B 353 -6.17 -25.12 -8.71
C GLN B 353 -7.46 -25.78 -9.16
N ALA B 354 -7.86 -25.57 -10.42
CA ALA B 354 -9.11 -26.11 -10.96
C ALA B 354 -8.88 -27.10 -12.10
N VAL B 355 -7.64 -27.53 -12.33
CA VAL B 355 -7.35 -28.45 -13.41
C VAL B 355 -7.84 -29.85 -13.06
N LEU B 356 -8.93 -30.28 -13.69
CA LEU B 356 -9.41 -31.67 -13.55
C LEU B 356 -8.98 -32.48 -14.77
N LEU B 357 -7.77 -33.01 -14.69
CA LEU B 357 -7.30 -33.91 -15.71
C LEU B 357 -8.27 -35.09 -15.87
N PRO B 358 -8.55 -35.53 -17.09
CA PRO B 358 -9.55 -36.58 -17.30
C PRO B 358 -9.16 -37.88 -16.61
N THR B 359 -10.10 -38.81 -16.61
CA THR B 359 -9.92 -40.07 -15.90
C THR B 359 -8.64 -40.75 -16.38
N PRO B 360 -7.84 -41.31 -15.46
CA PRO B 360 -6.51 -41.80 -15.84
C PRO B 360 -6.58 -43.10 -16.62
N SER B 361 -5.46 -43.37 -17.29
CA SER B 361 -5.26 -44.60 -18.04
C SER B 361 -4.87 -45.75 -17.11
N LEU B 362 -5.81 -46.20 -16.28
CA LEU B 362 -5.55 -47.27 -15.32
C LEU B 362 -4.97 -48.50 -16.01
N HIS B 363 -3.83 -48.98 -15.49
CA HIS B 363 -3.14 -50.13 -16.03
C HIS B 363 -2.66 -51.01 -14.89
N TRP B 364 -2.68 -52.33 -15.10
CA TRP B 364 -2.31 -53.27 -14.06
C TRP B 364 -1.68 -54.51 -14.68
N ARG B 365 -0.82 -55.17 -13.91
CA ARG B 365 -0.11 -56.36 -14.36
C ARG B 365 0.20 -57.22 -13.15
N GLU B 366 -0.24 -58.49 -13.20
CA GLU B 366 -0.04 -59.40 -12.09
C GLU B 366 1.37 -59.95 -12.10
N VAL B 367 2.12 -59.71 -11.00
CA VAL B 367 3.38 -60.40 -10.81
C VAL B 367 3.13 -61.86 -10.51
N SER B 368 2.02 -62.17 -9.84
CA SER B 368 1.64 -63.54 -9.54
C SER B 368 0.14 -63.54 -9.25
N SER B 369 -0.43 -64.73 -9.17
CA SER B 369 -1.84 -64.87 -8.88
C SER B 369 -2.14 -64.33 -7.49
N GLY B 370 -2.87 -63.22 -7.42
CA GLY B 370 -3.18 -62.57 -6.17
C GLY B 370 -2.22 -61.46 -5.77
N ARG B 371 -1.25 -61.12 -6.60
CA ARG B 371 -0.35 -60.00 -6.33
C ARG B 371 -0.01 -59.33 -7.65
N LEU B 372 -0.42 -58.07 -7.81
CA LEU B 372 -0.29 -57.37 -9.07
C LEU B 372 0.25 -55.97 -8.85
N GLU B 373 1.11 -55.52 -9.76
CA GLU B 373 1.51 -54.13 -9.83
C GLU B 373 0.47 -53.31 -10.56
N LEU B 374 0.47 -52.00 -10.31
CA LEU B 374 -0.43 -51.08 -10.99
C LEU B 374 0.38 -49.94 -11.58
N GLU B 375 -0.09 -49.43 -12.71
CA GLU B 375 0.62 -48.38 -13.44
C GLU B 375 -0.38 -47.66 -14.34
N TRP B 376 0.13 -46.85 -15.26
CA TRP B 376 -0.68 -46.03 -16.13
C TRP B 376 -0.17 -46.12 -17.56
N GLN B 377 -1.09 -46.14 -18.51
CA GLN B 377 -0.71 -46.03 -19.91
C GLN B 377 -0.22 -44.60 -20.16
N HIS B 378 1.04 -44.48 -20.58
CA HIS B 378 1.69 -43.18 -20.59
C HIS B 378 1.01 -42.23 -21.56
N GLN B 379 0.51 -41.11 -21.02
CA GLN B 379 -0.07 -40.02 -21.80
C GLN B 379 -0.21 -38.82 -20.88
N SER B 380 -0.38 -37.65 -21.48
CA SER B 380 -0.57 -36.39 -20.73
C SER B 380 0.53 -36.21 -19.68
N SER B 381 1.78 -36.47 -20.09
CA SER B 381 2.90 -36.49 -19.16
C SER B 381 3.08 -35.15 -18.43
N TRP B 382 2.70 -34.04 -19.05
CA TRP B 382 2.87 -32.74 -18.39
C TRP B 382 2.10 -32.67 -17.08
N ALA B 383 0.97 -33.37 -16.99
CA ALA B 383 0.15 -33.43 -15.79
C ALA B 383 0.25 -34.77 -15.08
N ALA B 384 0.26 -35.88 -15.83
CA ALA B 384 0.26 -37.20 -15.24
C ALA B 384 1.50 -37.47 -14.39
N GLN B 385 2.61 -36.80 -14.69
CA GLN B 385 3.85 -37.06 -13.97
C GLN B 385 3.83 -36.58 -12.53
N GLU B 386 2.90 -35.71 -12.15
CA GLU B 386 2.87 -35.15 -10.81
C GLU B 386 1.51 -35.24 -10.12
N THR B 387 0.50 -35.84 -10.76
CA THR B 387 -0.84 -35.88 -10.18
C THR B 387 -0.94 -36.90 -9.06
N CYS B 388 -1.92 -36.71 -8.19
CA CYS B 388 -2.14 -37.54 -7.01
C CYS B 388 -3.28 -38.52 -7.27
N TYR B 389 -2.91 -39.73 -7.70
CA TYR B 389 -3.91 -40.78 -7.95
C TYR B 389 -4.51 -41.27 -6.64
N GLN B 390 -5.74 -41.80 -6.74
CA GLN B 390 -6.46 -42.39 -5.62
C GLN B 390 -7.31 -43.54 -6.14
N LEU B 391 -7.40 -44.61 -5.36
CA LEU B 391 -8.06 -45.81 -5.85
C LEU B 391 -8.74 -46.56 -4.71
N ARG B 392 -9.67 -47.43 -5.09
CA ARG B 392 -10.35 -48.33 -4.18
C ARG B 392 -10.72 -49.61 -4.93
N TYR B 393 -10.88 -50.70 -4.19
CA TYR B 393 -11.25 -51.97 -4.80
C TYR B 393 -11.91 -52.87 -3.77
N THR B 394 -12.65 -53.86 -4.28
CA THR B 394 -13.41 -54.78 -3.44
C THR B 394 -13.60 -56.09 -4.19
N GLY B 395 -14.10 -57.10 -3.47
CA GLY B 395 -14.34 -58.42 -4.03
C GLY B 395 -15.68 -58.54 -4.74
N GLU B 396 -15.92 -59.73 -5.28
CA GLU B 396 -17.17 -60.01 -5.99
C GLU B 396 -18.36 -59.88 -5.05
N GLY B 397 -19.33 -59.06 -5.47
CA GLY B 397 -20.55 -58.87 -4.72
C GLY B 397 -20.38 -58.23 -3.36
N ARG B 398 -19.17 -57.79 -3.03
CA ARG B 398 -18.87 -57.24 -1.71
C ARG B 398 -19.09 -55.73 -1.70
N GLU B 399 -19.11 -55.18 -0.49
CA GLU B 399 -19.19 -53.73 -0.31
C GLU B 399 -18.16 -53.26 0.70
N ASP B 400 -17.10 -54.05 0.92
CA ASP B 400 -16.03 -53.71 1.84
C ASP B 400 -14.84 -53.21 1.03
N TRP B 401 -14.36 -52.02 1.36
CA TRP B 401 -13.46 -51.27 0.49
C TRP B 401 -12.02 -51.33 0.98
N LYS B 402 -11.12 -51.79 0.11
CA LYS B 402 -9.69 -51.55 0.26
C LYS B 402 -9.31 -50.27 -0.47
N VAL B 403 -8.32 -49.55 0.08
CA VAL B 403 -7.98 -48.22 -0.39
C VAL B 403 -6.47 -48.10 -0.51
N LEU B 404 -6.01 -47.28 -1.48
CA LEU B 404 -4.61 -46.92 -1.62
C LEU B 404 -4.50 -45.47 -2.03
N GLU B 405 -3.43 -44.81 -1.60
CA GLU B 405 -3.10 -43.45 -2.03
C GLU B 405 -1.59 -43.29 -2.06
N PRO B 406 -0.97 -43.44 -3.23
CA PRO B 406 0.49 -43.32 -3.33
C PRO B 406 0.92 -41.86 -3.36
N SER B 407 2.23 -41.66 -3.52
CA SER B 407 2.81 -40.34 -3.47
C SER B 407 2.43 -39.54 -4.72
N LEU B 408 2.81 -38.26 -4.70
CA LEU B 408 2.49 -37.36 -5.81
C LEU B 408 3.22 -37.78 -7.08
N GLY B 409 2.46 -38.03 -8.15
CA GLY B 409 3.03 -38.44 -9.41
C GLY B 409 3.48 -39.88 -9.48
N ALA B 410 3.23 -40.66 -8.43
CA ALA B 410 3.67 -42.05 -8.41
C ALA B 410 2.89 -42.90 -9.40
N ARG B 411 3.44 -44.06 -9.72
CA ARG B 411 2.72 -45.06 -10.49
C ARG B 411 1.57 -45.63 -9.66
N GLY B 412 0.83 -46.56 -10.27
CA GLY B 412 -0.28 -47.17 -9.56
C GLY B 412 0.12 -48.01 -8.37
N GLY B 413 1.41 -48.30 -8.21
CA GLY B 413 1.87 -49.09 -7.09
C GLY B 413 1.55 -50.57 -7.25
N THR B 414 0.89 -51.16 -6.26
CA THR B 414 0.61 -52.58 -6.28
C THR B 414 -0.61 -52.85 -5.40
N LEU B 415 -1.17 -54.05 -5.56
CA LEU B 415 -2.31 -54.49 -4.75
C LEU B 415 -2.21 -55.99 -4.56
N GLU B 416 -2.96 -56.49 -3.58
CA GLU B 416 -2.98 -57.90 -3.25
C GLU B 416 -4.42 -58.38 -3.15
N LEU B 417 -4.61 -59.66 -3.39
CA LEU B 417 -5.93 -60.25 -3.37
C LEU B 417 -5.80 -61.77 -3.24
N ARG B 418 -6.92 -62.41 -2.95
CA ARG B 418 -6.95 -63.86 -2.91
C ARG B 418 -6.67 -64.42 -4.31
N PRO B 419 -5.78 -65.40 -4.45
CA PRO B 419 -5.46 -65.92 -5.78
C PRO B 419 -6.67 -66.43 -6.55
N ARG B 420 -6.84 -65.92 -7.77
CA ARG B 420 -7.91 -66.31 -8.68
C ARG B 420 -9.31 -66.04 -8.14
N ALA B 421 -9.44 -65.27 -7.07
CA ALA B 421 -10.74 -64.82 -6.61
C ALA B 421 -11.15 -63.55 -7.35
N ARG B 422 -12.45 -63.33 -7.42
CA ARG B 422 -12.99 -62.21 -8.20
C ARG B 422 -12.86 -60.89 -7.44
N TYR B 423 -12.38 -59.86 -8.15
CA TYR B 423 -12.19 -58.53 -7.58
C TYR B 423 -12.39 -57.48 -8.66
N SER B 424 -12.64 -56.25 -8.21
CA SER B 424 -12.80 -55.11 -9.12
C SER B 424 -12.31 -53.85 -8.43
N LEU B 425 -11.94 -52.85 -9.22
CA LEU B 425 -11.32 -51.63 -8.71
C LEU B 425 -11.83 -50.41 -9.47
N GLN B 426 -11.62 -49.24 -8.85
CA GLN B 426 -11.96 -47.95 -9.44
C GLN B 426 -10.99 -46.90 -8.91
N LEU B 427 -10.76 -45.84 -9.69
CA LEU B 427 -9.79 -44.83 -9.31
C LEU B 427 -10.27 -43.44 -9.70
N ARG B 428 -9.71 -42.44 -9.02
CA ARG B 428 -9.86 -41.03 -9.36
C ARG B 428 -8.56 -40.32 -9.00
N ALA B 429 -8.43 -39.07 -9.43
CA ALA B 429 -7.17 -38.37 -9.24
C ALA B 429 -7.39 -36.89 -8.99
N ARG B 430 -6.39 -36.26 -8.40
CA ARG B 430 -6.33 -34.82 -8.24
C ARG B 430 -4.92 -34.34 -8.58
N LEU B 431 -4.84 -33.19 -9.25
CA LEU B 431 -3.56 -32.61 -9.67
C LEU B 431 -2.92 -31.85 -8.50
N ASN B 432 -2.55 -32.61 -7.47
CA ASN B 432 -2.07 -32.06 -6.21
C ASN B 432 -0.57 -31.80 -6.18
N GLY B 433 0.17 -32.25 -7.20
CA GLY B 433 1.58 -31.96 -7.29
C GLY B 433 1.82 -30.48 -7.41
N PRO B 434 2.67 -29.92 -6.54
CA PRO B 434 2.74 -28.47 -6.37
C PRO B 434 2.99 -27.68 -7.64
N THR B 435 3.27 -28.35 -8.77
CA THR B 435 3.19 -27.69 -10.06
C THR B 435 1.78 -27.22 -10.36
N TYR B 436 0.77 -27.93 -9.86
CA TYR B 436 -0.63 -27.53 -10.01
C TYR B 436 -1.36 -27.84 -8.71
N GLN B 437 -2.64 -27.50 -8.65
CA GLN B 437 -3.41 -27.66 -7.42
C GLN B 437 -4.82 -28.17 -7.72
N GLY B 438 -4.95 -29.01 -8.75
CA GLY B 438 -6.23 -29.40 -9.27
C GLY B 438 -7.11 -30.12 -8.26
N PRO B 439 -8.42 -30.09 -8.48
CA PRO B 439 -9.37 -30.72 -7.56
C PRO B 439 -9.63 -32.17 -7.95
N TRP B 440 -10.46 -32.82 -7.15
CA TRP B 440 -10.82 -34.21 -7.41
C TRP B 440 -11.59 -34.32 -8.72
N SER B 441 -11.08 -35.15 -9.63
CA SER B 441 -11.79 -35.46 -10.85
C SER B 441 -12.80 -36.57 -10.61
N ALA B 442 -13.73 -36.71 -11.56
CA ALA B 442 -14.72 -37.77 -11.47
C ALA B 442 -14.05 -39.14 -11.55
N TRP B 443 -14.68 -40.12 -10.91
CA TRP B 443 -14.12 -41.47 -10.87
C TRP B 443 -14.07 -42.08 -12.27
N SER B 444 -13.05 -42.89 -12.51
CA SER B 444 -12.97 -43.72 -13.70
C SER B 444 -14.07 -44.78 -13.63
N PRO B 445 -14.45 -45.40 -14.74
CA PRO B 445 -15.37 -46.54 -14.68
C PRO B 445 -14.76 -47.68 -13.90
N PRO B 446 -15.55 -48.39 -13.10
CA PRO B 446 -15.03 -49.55 -12.38
C PRO B 446 -14.63 -50.65 -13.36
N ALA B 447 -13.55 -51.35 -13.01
CA ALA B 447 -13.04 -52.42 -13.84
C ALA B 447 -12.72 -53.63 -12.98
N ARG B 448 -13.11 -54.81 -13.46
CA ARG B 448 -12.82 -56.07 -12.77
C ARG B 448 -11.39 -56.49 -13.10
N VAL B 449 -10.44 -55.83 -12.42
CA VAL B 449 -9.02 -56.11 -12.64
C VAL B 449 -8.65 -57.51 -12.19
N SER B 450 -9.45 -58.12 -11.34
CA SER B 450 -9.18 -59.48 -10.88
C SER B 450 -10.48 -60.21 -10.61
N PRO C 20 -1.78 18.23 23.09
CA PRO C 20 -0.32 18.27 23.28
C PRO C 20 0.44 18.65 22.01
N VAL C 21 0.48 17.74 21.03
CA VAL C 21 1.18 18.01 19.79
C VAL C 21 0.51 19.17 19.06
N ALA C 22 1.32 20.05 18.51
CA ALA C 22 0.82 21.25 17.85
C ALA C 22 -0.03 20.86 16.63
N PRO C 23 -0.99 21.72 16.26
CA PRO C 23 -1.82 21.38 15.09
C PRO C 23 -1.08 21.49 13.78
N ALA C 24 -0.16 22.45 13.65
CA ALA C 24 0.57 22.62 12.39
C ALA C 24 1.48 21.44 12.07
N CYS C 25 1.78 20.60 13.05
CA CYS C 25 2.72 19.51 12.85
C CYS C 25 2.16 18.36 12.04
N ASP C 26 0.85 18.32 11.84
CA ASP C 26 0.27 17.35 10.91
C ASP C 26 0.56 17.82 9.49
N PRO C 27 1.32 17.07 8.69
CA PRO C 27 1.59 17.52 7.31
C PRO C 27 0.35 17.62 6.45
N ARG C 28 -0.69 16.84 6.75
CA ARG C 28 -1.92 16.93 5.98
C ARG C 28 -2.55 18.31 6.13
N LEU C 29 -2.30 18.98 7.26
CA LEU C 29 -2.82 20.34 7.43
C LEU C 29 -2.15 21.31 6.48
N LEU C 30 -0.82 21.22 6.33
CA LEU C 30 -0.13 22.08 5.38
C LEU C 30 -0.55 21.75 3.95
N ASN C 31 -0.71 20.46 3.63
CA ASN C 31 -1.15 20.08 2.30
C ASN C 31 -2.56 20.62 2.01
N LYS C 32 -3.44 20.55 3.00
CA LYS C 32 -4.78 21.12 2.84
C LYS C 32 -4.71 22.62 2.60
N LEU C 33 -3.85 23.31 3.37
CA LEU C 33 -3.69 24.75 3.17
C LEU C 33 -3.21 25.05 1.75
N LEU C 34 -2.24 24.27 1.26
CA LEU C 34 -1.72 24.50 -0.09
C LEU C 34 -2.80 24.25 -1.14
N ARG C 35 -3.54 23.16 -1.01
CA ARG C 35 -4.57 22.85 -1.99
C ARG C 35 -5.65 23.92 -2.01
N ASP C 36 -6.09 24.36 -0.82
CA ASP C 36 -7.12 25.40 -0.75
C ASP C 36 -6.61 26.71 -1.32
N SER C 37 -5.35 27.07 -1.04
CA SER C 37 -4.80 28.31 -1.57
C SER C 37 -4.74 28.28 -3.10
N HIS C 38 -4.29 27.15 -3.67
CA HIS C 38 -4.20 27.09 -5.13
C HIS C 38 -5.57 27.04 -5.77
N LEU C 39 -6.54 26.39 -5.13
CA LEU C 39 -7.91 26.43 -5.64
C LEU C 39 -8.47 27.85 -5.61
N LEU C 40 -8.23 28.56 -4.52
CA LEU C 40 -8.71 29.94 -4.41
C LEU C 40 -8.04 30.86 -5.42
N HIS C 41 -6.76 30.64 -5.71
CA HIS C 41 -6.08 31.44 -6.73
C HIS C 41 -6.68 31.20 -8.11
N SER C 42 -6.94 29.94 -8.44
CA SER C 42 -7.50 29.62 -9.76
C SER C 42 -8.89 30.22 -9.94
N ARG C 43 -9.66 30.28 -8.85
CA ARG C 43 -11.03 30.78 -8.92
C ARG C 43 -11.07 32.25 -9.33
N LEU C 44 -9.95 32.98 -9.22
CA LEU C 44 -9.95 34.39 -9.61
C LEU C 44 -10.26 34.57 -11.09
N SER C 45 -9.96 33.58 -11.92
CA SER C 45 -10.23 33.68 -13.34
C SER C 45 -11.73 33.68 -13.66
N GLN C 46 -12.56 33.22 -12.74
CA GLN C 46 -13.97 32.99 -13.05
C GLN C 46 -14.81 34.25 -13.00
N CYS C 47 -14.61 35.09 -11.99
CA CYS C 47 -15.52 36.22 -11.82
C CYS C 47 -15.20 37.34 -12.81
N PRO C 48 -16.18 38.20 -13.12
CA PRO C 48 -16.13 38.94 -14.39
C PRO C 48 -14.90 39.80 -14.61
N ASP C 49 -14.42 40.51 -13.59
CA ASP C 49 -13.37 41.48 -13.86
C ASP C 49 -12.62 41.79 -12.57
N VAL C 50 -11.40 42.29 -12.75
CA VAL C 50 -10.54 42.73 -11.66
C VAL C 50 -9.93 44.06 -12.06
N ASP C 51 -9.86 44.98 -11.11
CA ASP C 51 -9.29 46.30 -11.33
C ASP C 51 -8.34 46.61 -10.19
N PRO C 52 -7.34 47.46 -10.43
CA PRO C 52 -6.38 47.77 -9.37
C PRO C 52 -7.06 48.40 -8.16
N LEU C 53 -6.54 48.06 -6.98
CA LEU C 53 -6.96 48.73 -5.76
C LEU C 53 -6.60 50.21 -5.84
N SER C 54 -7.54 51.08 -5.48
CA SER C 54 -7.30 52.51 -5.57
C SER C 54 -6.16 52.96 -4.66
N ILE C 55 -5.94 52.26 -3.55
CA ILE C 55 -4.88 52.57 -2.59
C ILE C 55 -4.08 51.30 -2.37
N PRO C 56 -2.75 51.35 -2.46
CA PRO C 56 -1.95 50.12 -2.43
C PRO C 56 -2.04 49.42 -1.09
N VAL C 57 -1.57 48.18 -1.08
CA VAL C 57 -1.66 47.28 0.06
C VAL C 57 -0.28 46.73 0.37
N LEU C 58 0.03 46.59 1.65
CA LEU C 58 1.34 46.15 2.11
C LEU C 58 1.35 44.63 2.28
N LEU C 59 2.33 43.98 1.69
CA LEU C 59 2.45 42.52 1.68
C LEU C 59 3.83 42.11 2.20
N PRO C 60 3.95 40.91 2.76
CA PRO C 60 5.17 40.55 3.49
C PRO C 60 6.35 40.25 2.59
N ALA C 61 7.52 40.18 3.21
CA ALA C 61 8.77 39.84 2.52
C ALA C 61 8.90 38.34 2.33
N VAL C 62 8.45 37.83 1.18
CA VAL C 62 8.53 36.39 0.96
C VAL C 62 9.89 35.98 0.39
N ASP C 63 10.56 36.88 -0.32
CA ASP C 63 11.84 36.53 -0.96
C ASP C 63 12.88 36.17 0.08
N PHE C 64 13.62 35.09 -0.19
CA PHE C 64 14.73 34.67 0.66
C PHE C 64 15.73 33.89 -0.18
N SER C 65 16.96 33.83 0.31
CA SER C 65 18.03 33.07 -0.32
C SER C 65 18.36 31.86 0.52
N LEU C 66 18.67 30.73 -0.14
CA LEU C 66 19.07 29.54 0.58
C LEU C 66 20.39 29.75 1.33
N GLY C 67 21.20 30.72 0.91
CA GLY C 67 22.46 30.96 1.61
C GLY C 67 22.26 31.51 3.01
N GLU C 68 21.32 32.45 3.17
CA GLU C 68 21.05 33.01 4.49
C GLU C 68 20.16 32.11 5.33
N TRP C 69 19.27 31.35 4.69
CA TRP C 69 18.34 30.50 5.42
C TRP C 69 19.06 29.43 6.23
N LYS C 70 20.16 28.90 5.70
CA LYS C 70 20.90 27.85 6.38
C LYS C 70 21.72 28.34 7.57
N THR C 71 21.78 29.67 7.81
CA THR C 71 22.55 30.21 8.92
C THR C 71 21.71 30.97 9.93
N GLN C 72 20.53 31.45 9.56
CA GLN C 72 19.69 32.18 10.51
C GLN C 72 19.26 31.27 11.66
N THR C 73 19.21 31.85 12.86
CA THR C 73 18.80 31.10 14.03
C THR C 73 17.31 30.73 13.96
N GLU C 74 16.97 29.57 14.53
CA GLU C 74 15.61 29.07 14.42
C GLU C 74 14.61 30.02 15.04
N GLN C 75 14.95 30.61 16.20
CA GLN C 75 14.06 31.59 16.81
C GLN C 75 13.80 32.76 15.87
N SER C 76 14.83 33.19 15.14
CA SER C 76 14.66 34.30 14.21
C SER C 76 13.76 33.90 13.05
N LYS C 77 13.90 32.67 12.55
CA LYS C 77 13.04 32.21 11.47
C LYS C 77 11.58 32.18 11.90
N ALA C 78 11.31 31.63 13.09
CA ALA C 78 9.94 31.57 13.57
C ALA C 78 9.38 32.97 13.78
N GLN C 79 10.17 33.85 14.39
CA GLN C 79 9.74 35.21 14.68
C GLN C 79 9.46 35.99 13.40
N ASP C 80 10.23 35.74 12.35
CA ASP C 80 10.01 36.43 11.08
C ASP C 80 8.80 35.88 10.34
N ILE C 81 8.61 34.56 10.34
CA ILE C 81 7.51 33.97 9.59
C ILE C 81 6.17 34.33 10.23
N LEU C 82 6.12 34.39 11.57
CA LEU C 82 4.90 34.85 12.22
C LEU C 82 4.54 36.27 11.81
N GLY C 83 5.54 37.16 11.78
CA GLY C 83 5.27 38.53 11.37
C GLY C 83 4.88 38.64 9.92
N ALA C 84 5.46 37.80 9.06
CA ALA C 84 5.06 37.78 7.66
C ALA C 84 3.59 37.43 7.52
N VAL C 85 3.14 36.38 8.21
CA VAL C 85 1.73 36.00 8.12
C VAL C 85 0.84 37.09 8.70
N SER C 86 1.25 37.72 9.81
CA SER C 86 0.46 38.79 10.40
C SER C 86 0.34 39.98 9.46
N LEU C 87 1.43 40.35 8.79
CA LEU C 87 1.38 41.47 7.86
C LEU C 87 0.54 41.15 6.64
N LEU C 88 0.59 39.90 6.17
CA LEU C 88 -0.32 39.49 5.11
C LEU C 88 -1.77 39.64 5.54
N LEU C 89 -2.09 39.20 6.76
CA LEU C 89 -3.46 39.32 7.24
C LEU C 89 -3.89 40.77 7.34
N GLU C 90 -3.01 41.64 7.82
CA GLU C 90 -3.33 43.06 7.91
C GLU C 90 -3.60 43.66 6.53
N GLY C 91 -2.77 43.29 5.55
CA GLY C 91 -2.99 43.77 4.19
C GLY C 91 -4.32 43.28 3.63
N VAL C 92 -4.62 41.99 3.83
CA VAL C 92 -5.88 41.43 3.33
C VAL C 92 -7.07 42.12 3.96
N MET C 93 -6.99 42.41 5.26
CA MET C 93 -8.10 43.11 5.90
C MET C 93 -8.25 44.53 5.34
N ALA C 94 -7.14 45.21 5.06
CA ALA C 94 -7.26 46.53 4.44
C ALA C 94 -7.89 46.44 3.06
N ALA C 95 -7.49 45.44 2.27
CA ALA C 95 -8.07 45.26 0.94
C ALA C 95 -9.56 45.01 1.02
N ARG C 96 -9.99 44.15 1.95
CA ARG C 96 -11.42 43.91 2.13
C ARG C 96 -12.14 45.18 2.55
N GLY C 97 -11.50 46.01 3.39
CA GLY C 97 -12.13 47.26 3.78
C GLY C 97 -12.29 48.22 2.62
N GLN C 98 -11.33 48.24 1.70
CA GLN C 98 -11.38 49.19 0.60
C GLN C 98 -12.43 48.80 -0.46
N LEU C 99 -12.51 47.52 -0.80
CA LEU C 99 -13.32 47.08 -1.93
C LEU C 99 -14.80 47.07 -1.60
N GLU C 100 -15.62 47.50 -2.56
CA GLU C 100 -17.06 47.51 -2.43
C GLU C 100 -17.63 46.10 -2.56
N PRO C 101 -18.84 45.86 -2.01
CA PRO C 101 -19.47 44.54 -2.16
C PRO C 101 -19.56 44.06 -3.59
N SER C 102 -19.00 42.88 -3.85
CA SER C 102 -18.94 42.30 -5.19
C SER C 102 -18.35 40.90 -5.03
N CYS C 103 -18.25 40.20 -6.16
CA CYS C 103 -17.64 38.86 -6.12
C CYS C 103 -16.19 38.94 -5.66
N LEU C 104 -15.45 39.94 -6.15
CA LEU C 104 -14.04 40.06 -5.78
C LEU C 104 -13.88 40.22 -4.28
N SER C 105 -14.75 41.01 -3.65
CA SER C 105 -14.71 41.15 -2.20
C SER C 105 -15.00 39.83 -1.51
N SER C 106 -15.91 39.02 -2.06
CA SER C 106 -16.18 37.71 -1.47
C SER C 106 -14.98 36.80 -1.59
N LEU C 107 -14.28 36.83 -2.72
CA LEU C 107 -13.07 36.05 -2.87
C LEU C 107 -12.00 36.50 -1.89
N LEU C 108 -11.87 37.81 -1.69
CA LEU C 108 -10.89 38.31 -0.75
C LEU C 108 -11.24 37.94 0.69
N GLY C 109 -12.53 37.90 1.03
CA GLY C 109 -12.96 37.40 2.33
C GLY C 109 -12.59 35.95 2.53
N GLN C 110 -12.88 35.12 1.52
CA GLN C 110 -12.53 33.71 1.61
C GLN C 110 -11.02 33.52 1.73
N LEU C 111 -10.23 34.38 1.08
CA LEU C 111 -8.78 34.32 1.25
C LEU C 111 -8.36 34.76 2.66
N SER C 112 -9.05 35.76 3.21
CA SER C 112 -8.80 36.14 4.60
C SER C 112 -9.04 34.96 5.51
N GLY C 113 -10.01 34.11 5.17
CA GLY C 113 -10.20 32.88 5.92
C GLY C 113 -8.97 31.99 5.88
N GLN C 114 -8.34 31.87 4.71
CA GLN C 114 -7.14 31.05 4.58
C GLN C 114 -6.01 31.63 5.43
N VAL C 115 -5.83 32.95 5.39
CA VAL C 115 -4.73 33.57 6.12
C VAL C 115 -4.97 33.49 7.62
N ARG C 116 -6.22 33.65 8.06
CA ARG C 116 -6.54 33.56 9.48
C ARG C 116 -6.43 32.12 9.99
N LEU C 117 -6.67 31.13 9.12
CA LEU C 117 -6.36 29.75 9.50
C LEU C 117 -4.85 29.55 9.61
N LEU C 118 -4.09 30.06 8.64
CA LEU C 118 -2.64 29.85 8.63
C LEU C 118 -1.99 30.45 9.85
N LEU C 119 -2.38 31.67 10.22
CA LEU C 119 -1.78 32.32 11.38
C LEU C 119 -2.01 31.51 12.65
N GLY C 120 -3.24 31.02 12.84
CA GLY C 120 -3.52 30.23 14.02
C GLY C 120 -2.75 28.91 14.02
N ALA C 121 -2.66 28.28 12.86
CA ALA C 121 -1.91 27.03 12.77
C ALA C 121 -0.44 27.26 13.14
N LEU C 122 0.14 28.37 12.68
CA LEU C 122 1.52 28.66 13.01
C LEU C 122 1.69 28.99 14.48
N GLN C 123 0.78 29.79 15.05
CA GLN C 123 0.87 30.13 16.47
C GLN C 123 0.72 28.90 17.35
N GLY C 124 -0.01 27.88 16.89
CA GLY C 124 -0.15 26.67 17.66
C GLY C 124 1.13 25.90 17.87
N LEU C 125 2.17 26.18 17.09
CA LEU C 125 3.45 25.50 17.20
C LEU C 125 4.57 26.44 17.62
N LEU C 126 4.71 27.59 16.97
CA LEU C 126 5.82 28.50 17.21
C LEU C 126 5.68 29.29 18.50
N GLY C 127 4.50 29.30 19.11
CA GLY C 127 4.25 30.12 20.27
C GLY C 127 4.18 31.59 19.93
N THR C 128 3.58 32.40 20.81
CA THR C 128 3.46 33.83 20.56
C THR C 128 4.79 34.50 20.78
N GLN C 129 5.39 35.02 19.71
CA GLN C 129 6.70 35.63 19.79
C GLN C 129 6.68 36.94 19.01
N LEU C 130 7.32 37.96 19.57
CA LEU C 130 7.21 39.36 19.14
C LEU C 130 7.75 39.56 17.72
N PRO C 131 6.87 39.79 16.75
CA PRO C 131 7.34 39.96 15.37
C PRO C 131 7.70 41.40 15.04
N LEU C 132 8.57 41.55 14.06
CA LEU C 132 8.89 42.85 13.48
C LEU C 132 8.74 42.78 11.96
N GLN C 133 8.39 43.91 11.37
CA GLN C 133 8.20 43.94 9.92
C GLN C 133 9.52 43.75 9.19
N GLY C 134 9.47 43.07 8.06
CA GLY C 134 10.56 43.05 7.11
C GLY C 134 10.37 44.14 6.06
N ARG C 135 11.14 44.01 4.97
CA ARG C 135 10.91 44.86 3.81
C ARG C 135 9.51 44.60 3.27
N THR C 136 8.90 45.60 2.64
CA THR C 136 7.52 45.49 2.18
C THR C 136 7.41 46.06 0.77
N THR C 137 6.44 45.54 0.03
CA THR C 137 6.12 46.02 -1.31
C THR C 137 4.66 46.47 -1.34
N ALA C 138 4.44 47.72 -1.71
CA ALA C 138 3.10 48.28 -1.79
C ALA C 138 2.48 47.89 -3.13
N HIS C 139 1.91 46.69 -3.16
CA HIS C 139 1.28 46.20 -4.38
C HIS C 139 -0.05 46.91 -4.65
N LYS C 140 -0.49 46.84 -5.89
CA LYS C 140 -1.78 47.36 -6.29
C LYS C 140 -2.65 46.35 -7.02
N ASP C 141 -2.06 45.33 -7.63
CA ASP C 141 -2.83 44.29 -8.30
C ASP C 141 -3.49 43.40 -7.25
N PRO C 142 -4.81 43.24 -7.28
CA PRO C 142 -5.45 42.34 -6.30
C PRO C 142 -4.98 40.90 -6.40
N ASN C 143 -4.45 40.49 -7.55
CA ASN C 143 -3.92 39.14 -7.67
C ASN C 143 -2.69 38.92 -6.80
N ALA C 144 -2.03 40.00 -6.38
CA ALA C 144 -0.81 39.86 -5.59
C ALA C 144 -1.08 39.16 -4.26
N LEU C 145 -2.29 39.34 -3.69
CA LEU C 145 -2.58 38.78 -2.37
C LEU C 145 -2.67 37.25 -2.43
N PHE C 146 -3.36 36.71 -3.44
CA PHE C 146 -3.35 35.27 -3.65
C PHE C 146 -1.94 34.78 -3.96
N LEU C 147 -1.24 35.50 -4.84
CA LEU C 147 0.11 35.13 -5.21
C LEU C 147 1.05 35.19 -4.01
N SER C 148 0.97 36.28 -3.23
CA SER C 148 1.83 36.38 -2.06
C SER C 148 1.53 35.29 -1.05
N LEU C 149 0.25 34.97 -0.84
CA LEU C 149 -0.09 33.88 0.07
C LEU C 149 0.50 32.57 -0.42
N GLN C 150 0.36 32.27 -1.71
CA GLN C 150 0.90 31.02 -2.24
C GLN C 150 2.41 30.98 -2.14
N GLN C 151 3.08 32.10 -2.43
CA GLN C 151 4.54 32.14 -2.32
C GLN C 151 4.99 31.93 -0.88
N LEU C 152 4.30 32.57 0.07
CA LEU C 152 4.66 32.40 1.47
C LEU C 152 4.41 30.97 1.94
N LEU C 153 3.36 30.34 1.42
CA LEU C 153 3.05 28.97 1.82
C LEU C 153 4.06 27.98 1.24
N ARG C 154 4.42 28.14 -0.03
CA ARG C 154 5.41 27.27 -0.65
C ARG C 154 6.79 27.48 -0.05
N GLY C 155 7.09 28.71 0.36
CA GLY C 155 8.42 29.09 0.77
C GLY C 155 8.71 28.90 2.24
N LYS C 156 8.90 30.00 2.95
CA LYS C 156 9.34 29.96 4.34
C LYS C 156 8.50 29.02 5.20
N VAL C 157 7.19 28.92 4.92
CA VAL C 157 6.31 28.08 5.75
C VAL C 157 6.71 26.61 5.63
N ARG C 158 6.66 26.06 4.41
CA ARG C 158 7.04 24.67 4.22
C ARG C 158 8.53 24.46 4.49
N PHE C 159 9.37 25.45 4.18
CA PHE C 159 10.78 25.36 4.52
C PHE C 159 10.96 25.14 6.02
N LEU C 160 10.31 25.97 6.84
CA LEU C 160 10.40 25.83 8.28
C LEU C 160 9.81 24.50 8.74
N LEU C 161 8.64 24.13 8.21
CA LEU C 161 7.97 22.93 8.71
C LEU C 161 8.60 21.64 8.22
N LEU C 162 9.53 21.68 7.28
CA LEU C 162 10.21 20.47 6.84
C LEU C 162 11.67 20.41 7.28
N VAL C 163 12.41 21.52 7.14
CA VAL C 163 13.81 21.51 7.55
C VAL C 163 13.92 21.37 9.07
N GLU C 164 13.12 22.12 9.81
CA GLU C 164 13.22 22.18 11.27
C GLU C 164 12.12 21.41 11.99
N GLY C 165 11.01 21.15 11.32
CA GLY C 165 9.80 20.62 11.92
C GLY C 165 9.97 19.53 12.97
N PRO C 166 10.68 18.43 12.63
CA PRO C 166 10.79 17.31 13.57
C PRO C 166 11.40 17.67 14.91
N THR C 167 12.17 18.75 15.00
CA THR C 167 12.71 19.19 16.28
C THR C 167 11.79 20.14 17.02
N LEU C 168 10.83 20.75 16.33
CA LEU C 168 9.89 21.65 16.98
C LEU C 168 8.72 20.90 17.60
N CYS C 169 8.29 19.80 16.98
CA CYS C 169 6.98 19.25 17.22
C CYS C 169 6.87 18.35 18.45
N VAL C 170 7.98 17.96 19.07
CA VAL C 170 7.91 16.93 20.11
C VAL C 170 7.25 17.49 21.36
N ARG C 171 7.91 18.45 22.00
CA ARG C 171 7.42 19.01 23.25
C ARG C 171 7.97 20.43 23.46
#